data_8FAB
#
_entry.id   8FAB
#
_cell.length_a   110.600
_cell.length_b   127.420
_cell.length_c   66.500
_cell.angle_alpha   90.00
_cell.angle_beta   90.00
_cell.angle_gamma   90.00
#
_symmetry.space_group_name_H-M   'P 21 21 21'
#
loop_
_entity.id
_entity.type
_entity.pdbx_description
1 polymer 'IGG1-LAMBDA HIL FAB (LIGHT CHAIN)'
2 polymer 'IGG1-LAMBDA HIL FAB (HEAVY CHAIN)'
3 water water
#
loop_
_entity_poly.entity_id
_entity_poly.type
_entity_poly.pdbx_seq_one_letter_code
_entity_poly.pdbx_strand_id
1 'polypeptide(L)'
;SYELTQPPSVSVSPGQTARITCSANALPNQYAYWYQQKPGRAPVMVIYKDTQRPSGIPQRFSSSTSGTTVTLTISGVQAE
DEADYYCQAWDNSASIFGGGTKLTVLGQPKAAPSVTLFPPSSEELQANKATLVCLISDFYPGAVTVAWKADSSPIKAGVE
TTTPSKQSNNKYAASSYLSLTPEQWKSHRSYSCQVTHEGSTVEKTVAPTECS
;
A,C
2 'polypeptide(L)'
;AVKLVQAGGGVVQPGRSLRLSCIASGFTFSNYGMHWVRQAPGKGLEWVAVIWYNGSRTYYGDSVKGRFTISRDNSKRTLY
MQMNSLRTEDTAVYYCARDPDILTAFSFDYWGQGVLVTVSSASTKGPSVFPLAPSSKSTSGGTAALGCLVKDYFPEPVTV
SWNSGALTSGVHTFPAVLQSSGLYSLSSVVTVPSSSLGTQTYICNVNHKPSNTKVDKKVEPKSC
;
B,D
#
# COMPACT_ATOMS: atom_id res chain seq x y z
N GLU A 3 25.86 18.16 15.95
CA GLU A 3 26.45 18.18 17.27
C GLU A 3 25.60 17.26 18.15
N LEU A 4 24.37 16.92 17.72
CA LEU A 4 23.49 16.05 18.49
C LEU A 4 23.51 14.66 17.87
N THR A 5 23.76 13.57 18.60
CA THR A 5 23.83 12.24 18.00
C THR A 5 22.57 11.45 18.23
N GLN A 6 21.97 10.86 17.23
CA GLN A 6 20.78 10.04 17.38
C GLN A 6 21.12 8.78 16.58
N PRO A 7 20.57 7.60 16.86
CA PRO A 7 20.76 6.40 16.05
C PRO A 7 20.11 6.56 14.67
N PRO A 8 20.63 6.02 13.57
CA PRO A 8 19.96 6.12 12.27
C PRO A 8 18.56 5.51 12.23
N SER A 9 18.34 4.37 12.91
CA SER A 9 17.03 3.79 12.93
C SER A 9 16.73 2.95 14.14
N VAL A 10 15.44 2.75 14.39
CA VAL A 10 14.95 1.85 15.44
C VAL A 10 13.77 1.10 14.83
N SER A 11 13.54 -0.18 15.08
CA SER A 11 12.32 -0.81 14.58
C SER A 11 11.66 -1.52 15.76
N VAL A 12 10.37 -1.46 15.97
CA VAL A 12 9.72 -2.05 17.12
C VAL A 12 8.48 -2.75 16.61
N SER A 13 7.96 -3.72 17.35
CA SER A 13 6.71 -4.37 17.00
C SER A 13 5.56 -3.48 17.48
N PRO A 14 4.34 -3.52 16.94
CA PRO A 14 3.18 -2.77 17.44
C PRO A 14 2.95 -3.05 18.92
N GLY A 15 2.63 -2.05 19.73
CA GLY A 15 2.39 -2.24 21.13
C GLY A 15 3.65 -2.25 21.96
N GLN A 16 4.85 -2.31 21.39
CA GLN A 16 6.04 -2.28 22.20
C GLN A 16 6.38 -0.83 22.48
N THR A 17 7.35 -0.58 23.36
CA THR A 17 7.79 0.76 23.68
C THR A 17 9.03 1.14 22.87
N ALA A 18 8.97 2.22 22.12
CA ALA A 18 10.12 2.65 21.38
C ALA A 18 10.85 3.73 22.15
N ARG A 19 12.18 3.65 22.22
CA ARG A 19 13.01 4.67 22.84
C ARG A 19 14.05 5.17 21.85
N ILE A 20 14.12 6.50 21.69
CA ILE A 20 15.08 7.14 20.79
C ILE A 20 15.88 8.14 21.63
N THR A 21 17.19 7.93 21.62
CA THR A 21 18.11 8.76 22.39
C THR A 21 18.68 9.90 21.54
N CYS A 22 19.14 10.97 22.19
CA CYS A 22 19.76 12.08 21.52
C CYS A 22 20.79 12.50 22.55
N SER A 23 22.05 12.62 22.13
CA SER A 23 23.14 12.93 23.04
C SER A 23 24.01 14.04 22.54
N ALA A 24 24.53 14.80 23.47
CA ALA A 24 25.56 15.77 23.19
C ALA A 24 26.00 16.27 24.55
N ASN A 25 27.25 16.68 24.72
CA ASN A 25 27.72 17.19 26.01
C ASN A 25 27.10 18.51 26.40
N ALA A 26 26.65 19.31 25.44
CA ALA A 26 26.04 20.58 25.79
C ALA A 26 24.60 20.44 26.23
N LEU A 27 24.00 19.25 26.14
CA LEU A 27 22.57 19.17 26.35
C LEU A 27 22.08 19.40 27.79
N PRO A 28 22.86 19.15 28.86
CA PRO A 28 22.63 19.64 30.21
C PRO A 28 22.28 21.12 30.33
N ASN A 29 22.91 21.87 29.44
CA ASN A 29 22.76 23.30 29.48
C ASN A 29 21.77 23.79 28.44
N GLN A 30 20.99 22.95 27.75
CA GLN A 30 20.13 23.45 26.69
C GLN A 30 18.75 22.84 26.82
N TYR A 31 17.70 23.45 26.25
CA TYR A 31 16.39 22.82 26.16
C TYR A 31 16.32 22.03 24.84
N ALA A 32 15.83 20.80 24.88
CA ALA A 32 15.67 19.93 23.72
C ALA A 32 14.20 19.89 23.35
N TYR A 33 13.92 19.68 22.06
CA TYR A 33 12.61 19.66 21.41
C TYR A 33 12.65 18.42 20.49
N TRP A 34 11.51 17.78 20.23
CA TRP A 34 11.43 16.61 19.37
C TRP A 34 10.40 16.87 18.30
N TYR A 35 10.70 16.44 17.07
CA TYR A 35 9.79 16.62 15.95
C TYR A 35 9.55 15.30 15.25
N GLN A 36 8.31 15.10 14.84
CA GLN A 36 7.91 13.96 14.04
C GLN A 36 7.76 14.37 12.59
N GLN A 37 8.33 13.64 11.63
CA GLN A 37 8.09 13.98 10.25
C GLN A 37 7.73 12.73 9.47
N LYS A 38 6.51 12.67 8.99
CA LYS A 38 6.05 11.58 8.16
C LYS A 38 6.44 11.87 6.73
N PRO A 39 6.60 10.86 5.87
CA PRO A 39 7.05 11.03 4.49
C PRO A 39 6.09 11.93 3.75
N GLY A 40 6.74 12.92 3.18
CA GLY A 40 6.06 13.88 2.35
C GLY A 40 5.60 15.07 3.15
N ARG A 41 5.37 14.93 4.45
CA ARG A 41 4.84 16.01 5.25
C ARG A 41 5.92 16.80 5.91
N ALA A 42 5.51 17.96 6.40
CA ALA A 42 6.35 18.82 7.22
C ALA A 42 6.42 18.31 8.67
N PRO A 43 7.44 18.63 9.46
CA PRO A 43 7.55 18.27 10.87
C PRO A 43 6.43 18.78 11.76
N VAL A 44 6.15 18.09 12.86
CA VAL A 44 5.19 18.50 13.87
C VAL A 44 5.95 18.43 15.17
N MET A 45 5.83 19.41 16.05
CA MET A 45 6.52 19.36 17.33
C MET A 45 5.81 18.40 18.29
N VAL A 46 6.45 17.34 18.77
CA VAL A 46 5.77 16.43 19.68
C VAL A 46 6.26 16.65 21.09
N ILE A 47 7.34 17.38 21.38
CA ILE A 47 7.84 17.60 22.75
C ILE A 47 8.49 18.96 22.75
N TYR A 48 8.17 19.79 23.75
CA TYR A 48 8.61 21.20 23.91
C TYR A 48 9.45 21.28 25.19
N LYS A 49 10.63 21.90 25.24
CA LYS A 49 11.44 22.10 26.44
C LYS A 49 11.65 20.89 27.35
N ASP A 50 12.37 19.94 26.76
CA ASP A 50 12.80 18.70 27.35
C ASP A 50 11.73 17.68 27.72
N THR A 51 10.62 18.05 28.35
CA THR A 51 9.69 17.06 28.83
C THR A 51 8.24 17.42 28.63
N GLN A 52 7.91 18.56 28.04
CA GLN A 52 6.52 18.99 28.04
C GLN A 52 5.83 18.56 26.76
N ARG A 53 4.63 18.01 26.85
CA ARG A 53 3.91 17.59 25.69
C ARG A 53 2.94 18.64 25.16
N PRO A 54 2.99 19.08 23.91
CA PRO A 54 2.04 20.05 23.35
C PRO A 54 0.58 19.56 23.35
N SER A 55 -0.40 20.47 23.37
CA SER A 55 -1.80 20.10 23.28
C SER A 55 -1.98 19.54 21.91
N GLY A 56 -2.65 18.39 21.82
CA GLY A 56 -2.91 17.78 20.53
C GLY A 56 -2.12 16.47 20.38
N ILE A 57 -1.06 16.33 21.17
CA ILE A 57 -0.21 15.17 21.00
C ILE A 57 -0.69 14.10 21.95
N PRO A 58 -0.87 12.86 21.48
CA PRO A 58 -1.21 11.69 22.28
C PRO A 58 -0.45 11.53 23.57
N GLN A 59 -1.11 11.06 24.64
CA GLN A 59 -0.41 10.86 25.92
C GLN A 59 0.66 9.75 25.91
N ARG A 60 0.79 8.95 24.85
CA ARG A 60 1.80 7.90 24.78
C ARG A 60 3.19 8.45 24.48
N PHE A 61 3.32 9.74 24.08
CA PHE A 61 4.63 10.31 23.83
C PHE A 61 5.16 10.94 25.11
N SER A 62 6.38 10.70 25.58
CA SER A 62 6.90 11.43 26.72
C SER A 62 8.42 11.58 26.53
N SER A 63 9.12 12.44 27.27
CA SER A 63 10.54 12.54 27.08
C SER A 63 11.17 12.76 28.44
N SER A 64 12.41 12.25 28.65
CA SER A 64 13.13 12.48 29.90
C SER A 64 14.58 12.75 29.66
N THR A 65 15.28 13.28 30.63
CA THR A 65 16.66 13.69 30.54
C THR A 65 17.54 12.81 31.40
N SER A 66 18.74 12.39 31.00
CA SER A 66 19.68 11.74 31.89
C SER A 66 21.06 12.13 31.45
N GLY A 67 21.59 13.17 32.05
CA GLY A 67 22.98 13.49 31.79
C GLY A 67 23.07 14.21 30.47
N THR A 68 23.85 13.68 29.53
CA THR A 68 23.99 14.33 28.25
C THR A 68 23.03 13.75 27.20
N THR A 69 22.06 12.96 27.66
CA THR A 69 21.15 12.26 26.78
C THR A 69 19.68 12.55 27.12
N VAL A 70 18.88 12.89 26.13
CA VAL A 70 17.45 13.02 26.34
C VAL A 70 16.80 11.91 25.52
N THR A 71 15.78 11.28 26.06
CA THR A 71 15.13 10.15 25.42
C THR A 71 13.67 10.38 25.11
N LEU A 72 13.27 10.15 23.87
CA LEU A 72 11.88 10.21 23.50
C LEU A 72 11.37 8.81 23.69
N THR A 73 10.29 8.64 24.46
CA THR A 73 9.70 7.33 24.70
C THR A 73 8.28 7.35 24.10
N ILE A 74 7.93 6.34 23.29
CA ILE A 74 6.58 6.20 22.77
C ILE A 74 6.16 4.84 23.33
N SER A 75 5.31 4.91 24.35
CA SER A 75 4.67 3.73 24.96
C SER A 75 3.65 3.13 24.00
N GLY A 76 3.54 1.82 23.86
CA GLY A 76 2.48 1.24 23.08
C GLY A 76 2.42 1.78 21.69
N VAL A 77 3.53 1.74 20.98
CA VAL A 77 3.64 2.29 19.64
C VAL A 77 2.55 1.78 18.71
N GLN A 78 1.99 2.67 17.90
CA GLN A 78 0.94 2.31 16.94
C GLN A 78 1.54 2.45 15.53
N ALA A 79 0.92 1.87 14.52
CA ALA A 79 1.40 1.97 13.17
C ALA A 79 1.56 3.40 12.70
N GLU A 80 0.68 4.27 13.18
CA GLU A 80 0.68 5.64 12.71
C GLU A 80 1.86 6.44 13.26
N ASP A 81 2.60 5.88 14.20
CA ASP A 81 3.73 6.57 14.77
C ASP A 81 4.98 6.39 13.92
N GLU A 82 4.94 5.54 12.89
CA GLU A 82 6.10 5.34 12.04
C GLU A 82 6.40 6.66 11.32
N ALA A 83 7.65 7.15 11.41
CA ALA A 83 8.08 8.46 10.95
C ALA A 83 9.57 8.59 11.25
N ASP A 84 10.14 9.73 10.82
CA ASP A 84 11.48 10.11 11.21
C ASP A 84 11.31 11.03 12.40
N TYR A 85 12.14 10.89 13.43
CA TYR A 85 12.09 11.73 14.63
C TYR A 85 13.43 12.43 14.71
N TYR A 86 13.35 13.73 14.98
CA TYR A 86 14.50 14.62 15.06
C TYR A 86 14.56 15.24 16.43
N CYS A 87 15.66 15.19 17.19
CA CYS A 87 15.75 16.09 18.36
C CYS A 87 16.42 17.38 17.84
N GLN A 88 16.26 18.46 18.62
CA GLN A 88 16.79 19.75 18.28
C GLN A 88 17.11 20.47 19.59
N ALA A 89 18.12 21.32 19.65
CA ALA A 89 18.41 22.11 20.83
C ALA A 89 19.09 23.38 20.32
N TRP A 90 19.90 24.06 21.12
CA TRP A 90 20.62 25.21 20.64
C TRP A 90 21.05 26.04 21.81
N ASP A 91 21.50 27.23 21.47
CA ASP A 91 21.98 28.23 22.42
C ASP A 91 21.50 29.59 21.89
N ASN A 92 21.86 30.68 22.55
CA ASN A 92 21.52 32.07 22.20
C ASN A 92 21.52 32.58 20.75
N SER A 93 22.08 31.80 19.85
CA SER A 93 22.27 32.25 18.50
C SER A 93 21.78 31.28 17.44
N ALA A 94 21.48 30.03 17.76
CA ALA A 94 21.24 29.06 16.70
C ALA A 94 20.43 27.87 17.18
N SER A 95 19.66 27.22 16.30
CA SER A 95 19.08 25.91 16.58
C SER A 95 19.93 24.84 15.89
N ILE A 96 20.14 23.71 16.55
CA ILE A 96 20.91 22.59 16.04
C ILE A 96 20.01 21.35 16.06
N PHE A 97 20.11 20.47 15.04
CA PHE A 97 19.31 19.28 14.94
C PHE A 97 20.19 18.05 14.92
N GLY A 98 19.67 16.93 15.42
CA GLY A 98 20.35 15.64 15.29
C GLY A 98 20.07 15.17 13.86
N GLY A 99 20.71 14.06 13.46
CA GLY A 99 20.61 13.52 12.11
C GLY A 99 19.28 12.84 11.77
N GLY A 100 18.46 12.46 12.77
CA GLY A 100 17.13 11.93 12.50
C GLY A 100 17.17 10.45 12.71
N THR A 101 16.08 9.89 13.23
CA THR A 101 15.96 8.45 13.45
C THR A 101 14.72 7.95 12.71
N LYS A 102 14.88 6.96 11.83
CA LYS A 102 13.74 6.34 11.16
C LYS A 102 13.11 5.33 12.12
N LEU A 103 11.86 5.53 12.52
CA LEU A 103 11.22 4.57 13.38
C LEU A 103 10.39 3.68 12.45
N THR A 104 10.56 2.36 12.45
CA THR A 104 9.74 1.47 11.65
C THR A 104 8.96 0.69 12.71
N VAL A 105 7.64 0.58 12.58
CA VAL A 105 6.78 -0.24 13.45
C VAL A 105 6.66 -1.48 12.55
N LEU A 106 7.26 -2.59 12.93
CA LEU A 106 7.31 -3.76 12.07
C LEU A 106 5.94 -4.31 11.67
N GLY A 107 5.66 -4.40 10.38
CA GLY A 107 4.40 -4.90 9.90
C GLY A 107 4.55 -6.20 9.11
N GLN A 108 5.74 -6.77 8.92
CA GLN A 108 5.94 -8.01 8.18
C GLN A 108 7.27 -8.58 8.66
N PRO A 109 7.76 -9.79 8.31
CA PRO A 109 9.08 -10.25 8.76
C PRO A 109 10.23 -9.48 8.10
N LYS A 110 11.37 -9.42 8.79
CA LYS A 110 12.59 -8.83 8.25
C LYS A 110 13.00 -9.68 7.05
N ALA A 111 13.52 -8.93 6.07
CA ALA A 111 13.96 -9.51 4.82
C ALA A 111 15.28 -8.86 4.40
N ALA A 112 16.26 -9.73 4.17
CA ALA A 112 17.60 -9.34 3.76
C ALA A 112 17.63 -8.77 2.36
N PRO A 113 18.48 -7.82 2.02
CA PRO A 113 18.64 -7.30 0.68
C PRO A 113 19.19 -8.26 -0.35
N SER A 114 18.78 -7.98 -1.58
CA SER A 114 19.35 -8.65 -2.75
C SER A 114 20.27 -7.61 -3.34
N VAL A 115 21.54 -7.93 -3.61
CA VAL A 115 22.48 -6.96 -4.16
C VAL A 115 22.95 -7.37 -5.56
N THR A 116 22.91 -6.49 -6.57
CA THR A 116 23.46 -6.80 -7.88
C THR A 116 24.46 -5.68 -8.11
N LEU A 117 25.66 -6.01 -8.54
CA LEU A 117 26.69 -5.01 -8.79
C LEU A 117 27.13 -5.12 -10.25
N PHE A 118 27.15 -4.01 -10.99
CA PHE A 118 27.59 -4.00 -12.38
C PHE A 118 28.90 -3.23 -12.48
N PRO A 119 29.93 -3.79 -13.16
CA PRO A 119 31.19 -3.10 -13.49
C PRO A 119 30.98 -2.04 -14.57
N PRO A 120 31.89 -1.11 -14.86
CA PRO A 120 31.75 -0.18 -15.97
C PRO A 120 31.74 -0.94 -17.26
N SER A 121 30.90 -0.52 -18.22
CA SER A 121 30.90 -1.14 -19.53
C SER A 121 32.15 -0.76 -20.33
N SER A 122 32.45 -1.52 -21.38
CA SER A 122 33.51 -1.20 -22.33
C SER A 122 33.30 0.17 -22.98
N GLU A 123 32.07 0.47 -23.41
CA GLU A 123 31.69 1.77 -23.94
C GLU A 123 32.11 2.91 -23.05
N GLU A 124 31.72 2.86 -21.77
CA GLU A 124 32.06 3.91 -20.83
C GLU A 124 33.55 4.04 -20.64
N LEU A 125 34.27 2.92 -20.44
CA LEU A 125 35.70 3.00 -20.28
C LEU A 125 36.32 3.57 -21.55
N GLN A 126 35.76 3.31 -22.74
CA GLN A 126 36.23 3.90 -24.00
C GLN A 126 36.09 5.43 -23.98
N ALA A 127 35.17 5.95 -23.15
CA ALA A 127 34.98 7.39 -22.95
C ALA A 127 35.85 7.96 -21.83
N ASN A 128 36.83 7.17 -21.38
CA ASN A 128 37.75 7.48 -20.29
C ASN A 128 36.95 7.81 -19.02
N LYS A 129 35.99 6.92 -18.77
CA LYS A 129 35.09 7.07 -17.63
C LYS A 129 34.75 5.73 -17.02
N ALA A 130 34.38 5.65 -15.72
CA ALA A 130 34.00 4.38 -15.13
C ALA A 130 33.00 4.58 -13.99
N THR A 131 31.83 3.94 -14.05
CA THR A 131 30.82 3.99 -13.01
C THR A 131 30.45 2.56 -12.63
N LEU A 132 30.54 2.17 -11.37
CA LEU A 132 30.01 0.88 -10.92
C LEU A 132 28.63 1.10 -10.30
N VAL A 133 27.62 0.28 -10.60
CA VAL A 133 26.27 0.51 -10.09
C VAL A 133 25.90 -0.62 -9.14
N CYS A 134 25.46 -0.32 -7.90
CA CYS A 134 25.08 -1.34 -6.94
C CYS A 134 23.58 -1.21 -6.72
N LEU A 135 22.77 -2.20 -7.01
CA LEU A 135 21.34 -2.08 -6.88
C LEU A 135 20.97 -3.05 -5.78
N ILE A 136 20.14 -2.51 -4.88
CA ILE A 136 19.79 -3.17 -3.62
C ILE A 136 18.27 -3.34 -3.54
N SER A 137 17.67 -4.53 -3.49
CA SER A 137 16.24 -4.58 -3.42
C SER A 137 15.70 -5.59 -2.47
N ASP A 138 14.40 -5.41 -2.17
CA ASP A 138 13.62 -6.34 -1.37
C ASP A 138 14.00 -6.48 0.11
N PHE A 139 14.29 -5.38 0.75
CA PHE A 139 14.66 -5.47 2.13
C PHE A 139 13.61 -4.77 2.97
N TYR A 140 13.45 -5.21 4.21
CA TYR A 140 12.51 -4.61 5.14
C TYR A 140 13.12 -4.84 6.51
N PRO A 141 13.20 -3.90 7.46
CA PRO A 141 12.85 -2.47 7.33
C PRO A 141 13.69 -1.74 6.29
N GLY A 142 13.26 -0.56 5.88
CA GLY A 142 13.90 0.16 4.81
C GLY A 142 15.02 1.02 5.32
N ALA A 143 16.01 0.45 5.97
CA ALA A 143 17.16 1.22 6.38
C ALA A 143 18.39 0.37 6.09
N VAL A 144 19.41 0.90 5.41
CA VAL A 144 20.62 0.12 5.08
C VAL A 144 21.84 1.01 5.22
N THR A 145 23.05 0.45 5.32
CA THR A 145 24.28 1.26 5.31
C THR A 145 24.95 0.73 4.06
N VAL A 146 25.39 1.57 3.13
CA VAL A 146 26.03 1.10 1.92
C VAL A 146 27.47 1.53 2.01
N ALA A 147 28.44 0.69 1.64
CA ALA A 147 29.86 0.99 1.76
C ALA A 147 30.54 0.44 0.53
N TRP A 148 31.55 1.11 0.01
CA TRP A 148 32.29 0.64 -1.13
C TRP A 148 33.73 0.40 -0.74
N LYS A 149 34.42 -0.57 -1.36
CA LYS A 149 35.80 -0.90 -1.05
C LYS A 149 36.54 -1.12 -2.34
N ALA A 150 37.80 -0.70 -2.39
CA ALA A 150 38.70 -0.96 -3.51
C ALA A 150 39.70 -1.87 -2.82
N ASP A 151 39.72 -3.15 -3.22
CA ASP A 151 40.49 -4.18 -2.54
C ASP A 151 40.03 -4.24 -1.08
N SER A 152 40.75 -3.84 -0.04
CA SER A 152 40.19 -3.84 1.32
C SER A 152 40.03 -2.42 1.86
N SER A 153 40.21 -1.39 1.04
CA SER A 153 40.14 -0.04 1.56
C SER A 153 38.75 0.56 1.35
N PRO A 154 38.09 1.15 2.34
CA PRO A 154 36.85 1.89 2.13
C PRO A 154 37.04 3.14 1.29
N ILE A 155 36.11 3.32 0.37
CA ILE A 155 36.06 4.47 -0.51
C ILE A 155 34.91 5.33 -0.03
N LYS A 156 35.08 6.65 0.04
CA LYS A 156 34.00 7.57 0.36
C LYS A 156 33.83 8.57 -0.76
N ALA A 157 34.90 8.90 -1.49
CA ALA A 157 34.77 9.82 -2.59
C ALA A 157 34.11 9.21 -3.80
N GLY A 158 33.16 9.88 -4.40
CA GLY A 158 32.62 9.48 -5.68
C GLY A 158 31.39 8.63 -5.59
N VAL A 159 30.82 8.57 -4.40
CA VAL A 159 29.67 7.76 -4.08
C VAL A 159 28.39 8.57 -4.06
N GLU A 160 27.33 8.08 -4.69
CA GLU A 160 26.02 8.68 -4.61
C GLU A 160 25.07 7.51 -4.33
N THR A 161 24.26 7.57 -3.27
CA THR A 161 23.34 6.51 -2.90
C THR A 161 21.91 7.08 -2.78
N THR A 162 20.87 6.58 -3.42
CA THR A 162 19.53 7.07 -3.26
C THR A 162 18.93 6.59 -1.93
N THR A 163 17.91 7.30 -1.40
CA THR A 163 17.16 6.98 -0.18
C THR A 163 16.22 5.82 -0.42
N PRO A 164 16.10 4.82 0.48
CA PRO A 164 15.27 3.62 0.25
C PRO A 164 13.82 3.99 -0.03
N SER A 165 13.14 3.37 -0.99
CA SER A 165 11.77 3.69 -1.25
C SER A 165 10.99 2.41 -1.35
N LYS A 166 9.71 2.38 -1.00
CA LYS A 166 8.95 1.13 -1.10
C LYS A 166 8.69 0.72 -2.53
N GLN A 167 8.64 -0.57 -2.70
CA GLN A 167 8.28 -1.17 -3.96
C GLN A 167 6.82 -1.59 -3.68
N SER A 168 6.11 -2.12 -4.67
CA SER A 168 4.71 -2.57 -4.56
C SER A 168 4.55 -3.52 -3.39
N ASN A 169 5.45 -4.50 -3.42
CA ASN A 169 5.55 -5.55 -2.43
C ASN A 169 5.80 -5.07 -1.00
N ASN A 170 5.95 -3.75 -0.79
CA ASN A 170 6.18 -3.11 0.49
C ASN A 170 7.57 -3.34 1.05
N LYS A 171 8.44 -3.95 0.24
CA LYS A 171 9.82 -4.08 0.63
C LYS A 171 10.49 -2.87 -0.01
N TYR A 172 11.74 -2.59 0.31
CA TYR A 172 12.38 -1.37 -0.16
C TYR A 172 13.46 -1.65 -1.20
N ALA A 173 13.86 -0.61 -1.95
CA ALA A 173 14.93 -0.71 -2.93
C ALA A 173 15.74 0.56 -2.88
N ALA A 174 17.03 0.51 -3.22
CA ALA A 174 17.91 1.67 -3.22
C ALA A 174 19.02 1.47 -4.28
N SER A 175 19.78 2.48 -4.67
CA SER A 175 20.88 2.28 -5.61
C SER A 175 22.06 3.10 -5.14
N SER A 176 23.28 2.73 -5.48
CA SER A 176 24.46 3.49 -5.10
C SER A 176 25.40 3.47 -6.29
N TYR A 177 26.17 4.51 -6.48
CA TYR A 177 27.01 4.61 -7.66
C TYR A 177 28.38 4.98 -7.14
N LEU A 178 29.37 4.44 -7.82
CA LEU A 178 30.74 4.79 -7.55
C LEU A 178 31.33 5.21 -8.90
N SER A 179 31.77 6.47 -8.95
CA SER A 179 32.45 7.00 -10.11
C SER A 179 33.97 6.90 -9.92
N LEU A 180 34.76 6.49 -10.91
CA LEU A 180 36.21 6.33 -10.77
C LEU A 180 36.84 6.75 -12.10
N THR A 181 38.15 6.98 -12.10
CA THR A 181 38.84 7.21 -13.37
C THR A 181 39.23 5.81 -13.88
N PRO A 182 39.43 5.59 -15.19
CA PRO A 182 39.89 4.31 -15.71
C PRO A 182 41.21 3.86 -15.11
N GLU A 183 42.12 4.77 -14.76
CA GLU A 183 43.36 4.33 -14.19
C GLU A 183 43.13 3.80 -12.79
N GLN A 184 42.18 4.37 -12.01
CA GLN A 184 41.82 3.83 -10.69
C GLN A 184 41.21 2.42 -10.77
N TRP A 185 40.33 2.17 -11.76
CA TRP A 185 39.73 0.86 -12.00
C TRP A 185 40.83 -0.19 -12.20
N LYS A 186 41.78 0.08 -13.09
CA LYS A 186 42.93 -0.79 -13.39
C LYS A 186 43.96 -0.95 -12.26
N SER A 187 43.99 -0.11 -11.24
CA SER A 187 45.02 -0.22 -10.23
C SER A 187 44.57 -1.01 -9.01
N HIS A 188 43.49 -1.80 -9.11
CA HIS A 188 43.00 -2.58 -7.99
C HIS A 188 42.64 -3.97 -8.45
N ARG A 189 42.70 -4.97 -7.58
CA ARG A 189 42.33 -6.33 -7.93
C ARG A 189 40.82 -6.52 -7.93
N SER A 190 40.07 -5.83 -7.07
CA SER A 190 38.61 -5.95 -6.99
C SER A 190 38.01 -4.71 -6.35
N TYR A 191 36.71 -4.57 -6.56
CA TYR A 191 35.89 -3.54 -5.94
C TYR A 191 34.68 -4.24 -5.35
N SER A 192 34.24 -3.78 -4.19
CA SER A 192 33.04 -4.32 -3.60
C SER A 192 31.97 -3.32 -3.15
N CYS A 193 30.70 -3.72 -3.31
CA CYS A 193 29.57 -2.98 -2.72
C CYS A 193 29.18 -3.78 -1.47
N GLN A 194 29.22 -3.24 -0.25
CA GLN A 194 28.87 -3.94 0.99
C GLN A 194 27.61 -3.31 1.53
N VAL A 195 26.55 -4.08 1.75
CA VAL A 195 25.30 -3.56 2.21
C VAL A 195 25.01 -4.16 3.58
N THR A 196 24.88 -3.33 4.62
CA THR A 196 24.56 -3.85 5.93
C THR A 196 23.15 -3.50 6.33
N HIS A 197 22.37 -4.50 6.80
CA HIS A 197 20.95 -4.37 7.09
C HIS A 197 20.71 -5.18 8.34
N GLU A 198 20.11 -4.60 9.38
CA GLU A 198 19.85 -5.32 10.63
C GLU A 198 21.08 -6.03 11.20
N GLY A 199 22.23 -5.37 11.09
CA GLY A 199 23.49 -5.90 11.58
C GLY A 199 24.20 -6.98 10.75
N SER A 200 23.66 -7.52 9.64
CA SER A 200 24.37 -8.49 8.79
C SER A 200 24.77 -7.87 7.47
N THR A 201 25.91 -8.23 6.87
CA THR A 201 26.35 -7.65 5.60
C THR A 201 26.24 -8.59 4.39
N VAL A 202 25.78 -8.06 3.26
CA VAL A 202 25.68 -8.76 1.99
C VAL A 202 26.71 -8.04 1.13
N GLU A 203 27.53 -8.72 0.35
CA GLU A 203 28.61 -8.10 -0.41
C GLU A 203 28.70 -8.74 -1.78
N LYS A 204 29.00 -7.91 -2.77
CA LYS A 204 29.21 -8.39 -4.12
C LYS A 204 30.52 -7.74 -4.57
N THR A 205 31.30 -8.46 -5.38
CA THR A 205 32.59 -8.00 -5.84
C THR A 205 32.71 -8.16 -7.35
N VAL A 206 33.39 -7.21 -7.99
CA VAL A 206 33.72 -7.26 -9.42
C VAL A 206 35.22 -7.05 -9.52
N ALA A 207 35.83 -7.52 -10.58
CA ALA A 207 37.28 -7.39 -10.77
C ALA A 207 37.51 -6.84 -12.17
N PRO A 208 38.49 -5.97 -12.37
CA PRO A 208 38.81 -5.34 -13.66
C PRO A 208 39.09 -6.30 -14.80
N ALA B 1 -7.63 28.21 10.78
CA ALA B 1 -6.58 27.58 11.59
C ALA B 1 -5.28 28.32 11.21
N VAL B 2 -4.10 28.02 11.76
CA VAL B 2 -2.85 28.69 11.40
C VAL B 2 -2.42 28.09 10.07
N LYS B 3 -1.97 28.87 9.11
CA LYS B 3 -1.60 28.36 7.81
C LYS B 3 -0.35 29.14 7.37
N LEU B 4 0.71 28.49 6.88
CA LEU B 4 1.93 29.14 6.43
C LEU B 4 2.15 28.63 5.03
N VAL B 5 2.20 29.51 4.02
CA VAL B 5 2.32 29.09 2.62
C VAL B 5 3.56 29.70 2.00
N GLN B 6 4.55 28.89 1.63
CA GLN B 6 5.72 29.36 0.90
C GLN B 6 5.46 29.44 -0.60
N ALA B 7 6.30 30.25 -1.28
CA ALA B 7 6.30 30.46 -2.71
C ALA B 7 7.67 30.92 -3.13
N GLY B 8 8.07 30.64 -4.37
CA GLY B 8 9.30 31.22 -4.90
C GLY B 8 10.34 30.18 -5.29
N GLY B 9 10.02 28.90 -5.24
CA GLY B 9 10.98 27.87 -5.55
C GLY B 9 11.34 27.82 -7.02
N GLY B 10 12.28 26.94 -7.37
CA GLY B 10 12.70 26.85 -8.75
C GLY B 10 14.05 26.20 -8.93
N VAL B 11 14.56 26.29 -10.14
CA VAL B 11 15.87 25.79 -10.53
C VAL B 11 16.67 27.07 -10.79
N VAL B 12 17.93 27.22 -10.36
CA VAL B 12 18.67 28.48 -10.49
C VAL B 12 20.16 28.17 -10.56
N GLN B 13 20.93 29.06 -11.16
CA GLN B 13 22.33 28.80 -11.32
C GLN B 13 23.21 29.38 -10.23
N PRO B 14 24.32 28.73 -9.80
CA PRO B 14 25.27 29.23 -8.84
C PRO B 14 25.69 30.65 -9.12
N GLY B 15 25.97 31.39 -8.07
CA GLY B 15 26.23 32.80 -8.21
C GLY B 15 24.96 33.63 -8.32
N ARG B 16 23.85 33.17 -8.89
CA ARG B 16 22.63 33.96 -8.97
C ARG B 16 21.82 34.10 -7.67
N SER B 17 20.66 34.78 -7.72
CA SER B 17 19.83 35.04 -6.57
C SER B 17 18.42 34.56 -6.73
N LEU B 18 17.73 34.38 -5.59
CA LEU B 18 16.35 33.94 -5.58
C LEU B 18 15.64 34.50 -4.34
N ARG B 19 14.36 34.88 -4.33
CA ARG B 19 13.73 35.35 -3.12
C ARG B 19 12.55 34.43 -2.89
N LEU B 20 12.46 33.91 -1.69
CA LEU B 20 11.33 33.09 -1.27
C LEU B 20 10.37 33.91 -0.41
N SER B 21 9.08 33.58 -0.42
CA SER B 21 8.16 34.24 0.50
C SER B 21 7.32 33.18 1.19
N CYS B 22 6.68 33.66 2.23
CA CYS B 22 5.87 32.84 3.11
C CYS B 22 4.73 33.69 3.62
N ILE B 23 3.46 33.40 3.33
CA ILE B 23 2.33 34.18 3.86
C ILE B 23 1.67 33.41 4.99
N ALA B 24 1.39 34.13 6.07
CA ALA B 24 0.81 33.53 7.26
C ALA B 24 -0.66 33.87 7.42
N SER B 25 -1.47 32.98 8.00
CA SER B 25 -2.89 33.21 8.26
C SER B 25 -3.22 32.54 9.58
N GLY B 26 -4.30 32.98 10.22
CA GLY B 26 -4.80 32.32 11.41
C GLY B 26 -4.21 32.81 12.70
N PHE B 27 -3.30 33.80 12.73
CA PHE B 27 -2.71 34.28 13.97
C PHE B 27 -2.24 35.69 13.73
N THR B 28 -1.82 36.42 14.77
CA THR B 28 -1.43 37.82 14.60
C THR B 28 0.05 37.72 14.29
N PHE B 29 0.40 37.92 13.04
CA PHE B 29 1.75 37.68 12.58
C PHE B 29 2.80 38.49 13.34
N SER B 30 2.46 39.74 13.66
CA SER B 30 3.41 40.63 14.30
C SER B 30 3.76 40.30 15.72
N ASN B 31 3.10 39.29 16.30
CA ASN B 31 3.40 38.87 17.65
C ASN B 31 4.40 37.74 17.69
N TYR B 32 4.85 37.17 16.56
CA TYR B 32 5.69 35.98 16.59
C TYR B 32 6.98 36.15 15.81
N GLY B 33 8.04 35.59 16.41
CA GLY B 33 9.32 35.40 15.76
C GLY B 33 9.17 34.36 14.64
N MET B 34 9.85 34.51 13.47
CA MET B 34 9.67 33.58 12.38
C MET B 34 11.01 33.11 11.89
N HIS B 35 11.03 31.87 11.41
CA HIS B 35 12.24 31.17 10.97
C HIS B 35 12.11 30.61 9.57
N TRP B 36 13.31 30.30 9.03
CA TRP B 36 13.42 29.49 7.82
C TRP B 36 14.30 28.28 8.20
N VAL B 37 13.92 27.10 7.73
CA VAL B 37 14.65 25.84 8.00
C VAL B 37 14.77 25.12 6.65
N ARG B 38 15.81 24.34 6.36
CA ARG B 38 15.90 23.66 5.07
C ARG B 38 16.22 22.19 5.25
N GLN B 39 15.92 21.38 4.23
CA GLN B 39 16.18 19.97 4.27
C GLN B 39 16.65 19.51 2.90
N ALA B 40 17.92 19.14 2.82
CA ALA B 40 18.51 18.69 1.58
C ALA B 40 17.88 17.33 1.27
N PRO B 41 17.61 16.96 0.01
CA PRO B 41 16.88 15.72 -0.34
C PRO B 41 17.62 14.52 0.23
N GLY B 42 16.86 13.68 0.91
CA GLY B 42 17.38 12.50 1.57
C GLY B 42 18.29 12.84 2.75
N LYS B 43 18.21 14.05 3.36
CA LYS B 43 19.00 14.38 4.53
C LYS B 43 18.17 15.01 5.66
N GLY B 44 18.79 15.46 6.75
CA GLY B 44 18.06 15.95 7.92
C GLY B 44 17.77 17.43 7.83
N LEU B 45 17.15 17.97 8.87
CA LEU B 45 16.75 19.36 8.92
C LEU B 45 17.93 20.29 9.27
N GLU B 46 18.01 21.51 8.78
CA GLU B 46 19.09 22.41 9.16
C GLU B 46 18.48 23.82 9.26
N TRP B 47 18.75 24.56 10.34
CA TRP B 47 18.13 25.85 10.60
C TRP B 47 18.90 26.85 9.76
N VAL B 48 18.17 27.79 9.18
CA VAL B 48 18.77 28.79 8.34
C VAL B 48 18.80 30.18 9.00
N ALA B 49 17.69 30.72 9.49
CA ALA B 49 17.64 32.11 9.95
C ALA B 49 16.40 32.40 10.76
N VAL B 50 16.44 33.42 11.60
CA VAL B 50 15.32 33.87 12.47
C VAL B 50 15.23 35.39 12.39
N ILE B 51 14.01 35.95 12.41
CA ILE B 51 13.80 37.37 12.59
C ILE B 51 12.82 37.56 13.77
N TRP B 52 13.19 38.45 14.70
CA TRP B 52 12.33 38.83 15.83
C TRP B 52 10.95 39.28 15.38
N TYR B 53 9.95 39.13 16.25
CA TYR B 53 8.57 39.54 15.95
C TYR B 53 8.40 40.94 15.40
N ASN B 54 9.20 41.89 15.87
CA ASN B 54 9.12 43.28 15.41
C ASN B 54 10.20 43.66 14.36
N GLY B 55 11.04 42.72 13.88
CA GLY B 55 12.08 43.06 12.89
C GLY B 55 13.30 43.72 13.57
N SER B 56 13.47 43.72 14.90
CA SER B 56 14.59 44.39 15.55
C SER B 56 15.92 43.66 15.43
N ARG B 57 15.95 42.34 15.22
CA ARG B 57 17.21 41.63 15.09
C ARG B 57 17.05 40.33 14.33
N THR B 58 18.10 39.83 13.65
CA THR B 58 18.01 38.57 12.91
C THR B 58 19.27 37.78 13.25
N TYR B 59 19.32 36.46 13.12
CA TYR B 59 20.52 35.67 13.39
C TYR B 59 20.54 34.63 12.28
N TYR B 60 21.71 34.15 11.86
CA TYR B 60 21.81 33.23 10.75
C TYR B 60 22.69 32.04 11.10
N GLY B 61 22.36 30.93 10.47
CA GLY B 61 23.14 29.69 10.55
C GLY B 61 24.53 29.84 9.88
N ASP B 62 25.49 29.06 10.35
CA ASP B 62 26.85 29.15 9.92
C ASP B 62 27.02 28.86 8.46
N SER B 63 26.20 28.03 7.82
CA SER B 63 26.50 27.79 6.39
C SER B 63 25.88 28.79 5.42
N VAL B 64 24.97 29.66 5.89
CA VAL B 64 24.32 30.67 5.07
C VAL B 64 24.65 32.12 5.45
N LYS B 65 25.43 32.33 6.53
CA LYS B 65 25.68 33.69 7.05
C LYS B 65 26.39 34.57 6.03
N GLY B 66 25.93 35.80 5.85
CA GLY B 66 26.52 36.65 4.85
C GLY B 66 25.96 36.42 3.45
N ARG B 67 25.23 35.35 3.15
CA ARG B 67 24.74 35.12 1.79
C ARG B 67 23.23 35.27 1.72
N PHE B 68 22.51 34.93 2.79
CA PHE B 68 21.06 34.93 2.82
C PHE B 68 20.59 36.04 3.74
N THR B 69 19.46 36.68 3.41
CA THR B 69 18.92 37.81 4.17
C THR B 69 17.44 37.57 4.46
N ILE B 70 17.04 37.56 5.71
CA ILE B 70 15.64 37.38 6.07
C ILE B 70 15.02 38.78 6.35
N SER B 71 13.77 39.02 5.99
CA SER B 71 13.06 40.25 6.30
C SER B 71 11.57 39.92 6.50
N ARG B 72 10.73 40.80 7.05
CA ARG B 72 9.30 40.53 7.16
C ARG B 72 8.53 41.81 6.85
N ASP B 73 7.26 41.73 6.44
CA ASP B 73 6.43 42.89 6.22
C ASP B 73 5.22 42.62 7.11
N ASN B 74 5.18 43.19 8.28
CA ASN B 74 4.09 42.88 9.17
C ASN B 74 2.74 43.37 8.67
N SER B 75 2.67 44.43 7.88
CA SER B 75 1.39 44.84 7.36
C SER B 75 0.83 43.82 6.36
N LYS B 76 1.66 43.03 5.68
CA LYS B 76 1.18 42.13 4.67
C LYS B 76 1.24 40.67 5.11
N ARG B 77 1.49 40.38 6.38
CA ARG B 77 1.66 39.02 6.91
C ARG B 77 2.67 38.11 6.17
N THR B 78 3.77 38.70 5.65
CA THR B 78 4.70 37.97 4.80
C THR B 78 6.10 38.03 5.33
N LEU B 79 6.76 36.86 5.21
CA LEU B 79 8.14 36.64 5.60
C LEU B 79 8.91 36.40 4.29
N TYR B 80 10.11 36.94 4.12
CA TYR B 80 10.88 36.78 2.91
C TYR B 80 12.24 36.21 3.19
N MET B 81 12.89 35.67 2.17
CA MET B 81 14.29 35.30 2.27
C MET B 81 14.88 35.53 0.90
N GLN B 82 15.94 36.29 0.92
CA GLN B 82 16.70 36.71 -0.23
C GLN B 82 17.93 35.80 -0.19
N MET B 83 18.12 34.93 -1.17
CA MET B 83 19.27 34.01 -1.22
C MET B 83 20.24 34.48 -2.28
N ASN B 84 21.45 34.90 -1.92
CA ASN B 84 22.44 35.36 -2.87
C ASN B 84 23.61 34.40 -2.84
N SER B 85 24.54 34.45 -3.79
CA SER B 85 25.73 33.57 -3.83
C SER B 85 25.46 32.10 -3.62
N LEU B 86 24.45 31.66 -4.37
CA LEU B 86 23.98 30.28 -4.32
C LEU B 86 25.02 29.31 -4.80
N ARG B 87 25.10 28.21 -4.09
CA ARG B 87 26.03 27.13 -4.35
C ARG B 87 25.16 25.89 -4.56
N THR B 88 25.67 24.87 -5.24
CA THR B 88 25.01 23.60 -5.50
C THR B 88 24.46 22.98 -4.24
N GLU B 89 25.33 23.06 -3.21
CA GLU B 89 25.07 22.64 -1.85
C GLU B 89 23.84 23.28 -1.23
N ASP B 90 23.33 24.40 -1.75
CA ASP B 90 22.13 25.01 -1.20
C ASP B 90 20.85 24.36 -1.72
N THR B 91 20.94 23.30 -2.53
CA THR B 91 19.76 22.63 -3.09
C THR B 91 19.00 22.01 -1.90
N ALA B 92 17.70 22.27 -1.73
CA ALA B 92 16.99 21.79 -0.57
C ALA B 92 15.53 22.17 -0.60
N VAL B 93 14.70 21.59 0.25
CA VAL B 93 13.33 22.04 0.45
C VAL B 93 13.44 23.10 1.55
N TYR B 94 12.88 24.28 1.36
CA TYR B 94 12.93 25.34 2.36
C TYR B 94 11.55 25.51 2.98
N TYR B 95 11.51 25.48 4.30
CA TYR B 95 10.32 25.66 5.10
C TYR B 95 10.27 26.94 5.88
N CYS B 96 9.14 27.68 5.99
CA CYS B 96 9.14 28.75 7.00
C CYS B 96 8.38 28.15 8.16
N ALA B 97 8.74 28.58 9.34
CA ALA B 97 8.18 28.08 10.56
C ALA B 97 7.98 29.19 11.55
N ARG B 98 6.95 29.11 12.39
CA ARG B 98 6.68 30.03 13.47
C ARG B 98 7.39 29.59 14.74
N ASP B 99 7.93 30.55 15.50
CA ASP B 99 8.53 30.32 16.80
C ASP B 99 7.41 30.50 17.83
N PRO B 100 7.24 29.61 18.80
CA PRO B 100 6.23 29.68 19.83
C PRO B 100 6.32 30.82 20.83
N ASP B 101 7.54 31.16 21.24
CA ASP B 101 7.75 32.17 22.27
C ASP B 101 8.05 33.52 21.68
N ILE B 102 7.32 34.59 22.06
CA ILE B 102 7.57 35.98 21.63
C ILE B 102 9.01 36.41 21.92
N LEU B 103 9.59 35.91 23.03
CA LEU B 103 10.98 36.17 23.34
C LEU B 103 11.98 35.24 22.60
N THR B 104 11.47 34.42 21.69
CA THR B 104 12.17 33.49 20.82
C THR B 104 12.82 32.31 21.53
N ALA B 105 12.15 31.18 21.38
CA ALA B 105 12.65 29.93 21.94
C ALA B 105 13.74 29.28 21.08
N PHE B 106 13.79 29.69 19.80
CA PHE B 106 14.52 29.02 18.74
C PHE B 106 14.03 27.57 18.62
N SER B 107 12.69 27.43 18.56
CA SER B 107 12.10 26.16 18.16
C SER B 107 10.94 26.51 17.23
N PHE B 108 10.19 25.53 16.71
CA PHE B 108 9.31 25.70 15.56
C PHE B 108 7.94 25.08 15.81
N ASP B 109 6.90 25.81 16.20
CA ASP B 109 5.65 25.10 16.43
C ASP B 109 4.74 24.95 15.23
N TYR B 110 4.78 25.79 14.20
CA TYR B 110 3.97 25.54 12.99
C TYR B 110 4.91 25.64 11.81
N TRP B 111 4.75 24.83 10.76
CA TRP B 111 5.68 24.71 9.65
C TRP B 111 4.87 24.88 8.39
N GLY B 112 5.37 25.51 7.32
CA GLY B 112 4.61 25.54 6.09
C GLY B 112 4.81 24.23 5.30
N GLN B 113 4.51 24.21 4.01
CA GLN B 113 4.58 22.99 3.22
C GLN B 113 5.95 22.74 2.66
N GLY B 114 6.70 23.83 2.46
CA GLY B 114 8.05 23.74 1.93
C GLY B 114 8.03 23.94 0.42
N VAL B 115 9.13 24.48 -0.09
CA VAL B 115 9.24 24.71 -1.51
C VAL B 115 10.64 24.25 -1.92
N LEU B 116 10.81 23.51 -3.00
CA LEU B 116 12.12 23.09 -3.44
C LEU B 116 12.88 24.08 -4.30
N VAL B 117 14.16 24.22 -3.94
CA VAL B 117 15.11 25.03 -4.66
C VAL B 117 16.24 24.10 -5.12
N THR B 118 16.47 24.04 -6.43
CA THR B 118 17.54 23.22 -7.01
C THR B 118 18.56 24.19 -7.60
N VAL B 119 19.81 24.10 -7.19
CA VAL B 119 20.83 24.95 -7.70
C VAL B 119 21.79 24.17 -8.55
N SER B 120 21.90 24.49 -9.84
CA SER B 120 22.82 23.80 -10.73
C SER B 120 23.34 24.76 -11.78
N SER B 121 24.61 24.60 -12.15
CA SER B 121 25.15 25.39 -13.25
C SER B 121 24.93 24.72 -14.62
N ALA B 122 24.46 23.46 -14.66
CA ALA B 122 24.34 22.77 -15.92
C ALA B 122 23.40 23.42 -16.91
N SER B 123 23.76 23.20 -18.16
CA SER B 123 22.94 23.60 -19.29
C SER B 123 22.27 22.31 -19.71
N THR B 124 21.29 22.41 -20.60
CA THR B 124 20.63 21.26 -21.16
C THR B 124 21.69 20.37 -21.77
N LYS B 125 21.71 19.15 -21.23
CA LYS B 125 22.62 18.10 -21.62
C LYS B 125 21.80 16.83 -21.66
N GLY B 126 21.93 16.15 -22.79
CA GLY B 126 21.27 14.89 -22.96
C GLY B 126 22.12 13.84 -22.29
N PRO B 127 21.58 12.69 -21.91
CA PRO B 127 22.34 11.64 -21.26
C PRO B 127 23.28 10.83 -22.15
N SER B 128 24.20 10.16 -21.45
CA SER B 128 25.06 9.12 -21.99
C SER B 128 24.39 7.86 -21.46
N VAL B 129 23.90 6.99 -22.33
CA VAL B 129 23.17 5.81 -21.93
C VAL B 129 24.14 4.64 -22.11
N PHE B 130 24.37 3.84 -21.07
CA PHE B 130 25.36 2.77 -21.08
C PHE B 130 24.70 1.47 -20.65
N PRO B 131 25.00 0.33 -21.28
CA PRO B 131 24.27 -0.91 -21.06
C PRO B 131 24.79 -1.51 -19.76
N LEU B 132 23.99 -2.20 -18.97
CA LEU B 132 24.46 -2.86 -17.78
C LEU B 132 24.05 -4.29 -18.13
N ALA B 133 25.02 -4.90 -18.81
CA ALA B 133 24.89 -6.29 -19.27
C ALA B 133 24.93 -7.32 -18.14
N PRO B 134 24.23 -8.46 -18.23
CA PRO B 134 24.31 -9.55 -17.26
C PRO B 134 25.63 -10.33 -17.33
N THR B 143 17.45 -16.54 -13.35
CA THR B 143 17.02 -15.17 -13.51
C THR B 143 18.26 -14.29 -13.65
N ALA B 144 18.20 -13.29 -14.50
CA ALA B 144 19.29 -12.39 -14.76
C ALA B 144 18.71 -10.99 -14.63
N ALA B 145 19.57 -10.04 -14.32
CA ALA B 145 19.19 -8.64 -14.12
C ALA B 145 20.05 -7.97 -15.17
N LEU B 146 19.49 -7.00 -15.86
CA LEU B 146 20.26 -6.23 -16.81
C LEU B 146 19.64 -4.84 -16.83
N GLY B 147 20.28 -3.85 -17.39
CA GLY B 147 19.65 -2.53 -17.39
C GLY B 147 20.44 -1.52 -18.18
N CYS B 148 20.09 -0.27 -17.91
CA CYS B 148 20.72 0.86 -18.58
C CYS B 148 21.03 1.96 -17.59
N LEU B 149 22.24 2.46 -17.66
CA LEU B 149 22.65 3.58 -16.84
C LEU B 149 22.41 4.82 -17.73
N VAL B 150 21.55 5.71 -17.23
CA VAL B 150 21.20 6.95 -17.91
C VAL B 150 21.92 8.03 -17.12
N LYS B 151 23.09 8.43 -17.60
CA LYS B 151 24.02 9.24 -16.85
C LYS B 151 24.24 10.63 -17.39
N ASP B 152 24.36 11.56 -16.45
CA ASP B 152 24.74 12.93 -16.72
C ASP B 152 23.86 13.78 -17.62
N TYR B 153 22.57 13.87 -17.26
CA TYR B 153 21.68 14.70 -18.04
C TYR B 153 21.18 15.91 -17.22
N PHE B 154 20.71 16.98 -17.88
CA PHE B 154 20.07 18.11 -17.21
C PHE B 154 19.08 18.74 -18.20
N PRO B 155 17.88 19.23 -17.83
CA PRO B 155 17.26 19.06 -16.51
C PRO B 155 16.46 17.76 -16.45
N GLU B 156 15.66 17.59 -15.41
CA GLU B 156 14.75 16.47 -15.27
C GLU B 156 13.61 16.77 -16.26
N PRO B 157 12.77 15.86 -16.77
CA PRO B 157 12.81 14.41 -16.56
C PRO B 157 13.40 13.61 -17.72
N VAL B 158 13.53 12.32 -17.46
CA VAL B 158 13.93 11.36 -18.47
C VAL B 158 12.87 10.26 -18.36
N THR B 159 12.59 9.60 -19.46
CA THR B 159 11.63 8.52 -19.54
C THR B 159 12.42 7.34 -20.04
N VAL B 160 12.23 6.20 -19.37
CA VAL B 160 12.89 4.97 -19.77
C VAL B 160 11.85 3.87 -20.00
N SER B 161 11.85 3.31 -21.20
CA SER B 161 11.00 2.17 -21.52
C SER B 161 11.86 0.99 -21.95
N TRP B 162 11.29 -0.22 -21.92
CA TRP B 162 11.97 -1.42 -22.41
C TRP B 162 11.24 -2.00 -23.60
N ASN B 163 12.06 -2.22 -24.64
CA ASN B 163 11.69 -2.81 -25.93
C ASN B 163 10.48 -2.13 -26.57
N SER B 164 10.63 -0.83 -26.73
CA SER B 164 9.64 0.09 -27.30
C SER B 164 8.30 0.04 -26.56
N GLY B 165 8.43 -0.23 -25.26
CA GLY B 165 7.32 -0.31 -24.34
C GLY B 165 6.78 -1.71 -24.15
N ALA B 166 7.26 -2.66 -24.96
CA ALA B 166 6.73 -4.01 -24.96
C ALA B 166 6.94 -4.78 -23.66
N LEU B 167 7.85 -4.35 -22.81
CA LEU B 167 8.13 -5.05 -21.57
C LEU B 167 7.87 -4.17 -20.35
N THR B 168 7.07 -4.72 -19.45
CA THR B 168 6.72 -4.06 -18.20
C THR B 168 7.03 -4.90 -16.96
N SER B 169 6.90 -6.22 -17.11
CA SER B 169 7.13 -7.16 -16.03
C SER B 169 8.58 -7.12 -15.57
N GLY B 170 8.73 -6.64 -14.34
CA GLY B 170 10.02 -6.62 -13.66
C GLY B 170 10.98 -5.55 -14.13
N VAL B 171 10.46 -4.35 -14.29
CA VAL B 171 11.23 -3.20 -14.71
C VAL B 171 11.22 -2.33 -13.47
N HIS B 172 12.36 -1.81 -13.05
CA HIS B 172 12.37 -0.90 -11.94
C HIS B 172 13.32 0.23 -12.29
N THR B 173 12.79 1.43 -12.43
CA THR B 173 13.60 2.61 -12.67
C THR B 173 13.71 3.35 -11.35
N PHE B 174 14.94 3.57 -10.92
CA PHE B 174 15.24 4.19 -9.64
C PHE B 174 15.21 5.71 -9.75
N PRO B 175 14.95 6.46 -8.67
CA PRO B 175 15.05 7.91 -8.64
C PRO B 175 16.38 8.49 -9.06
N ALA B 176 16.33 9.61 -9.76
CA ALA B 176 17.51 10.29 -10.20
C ALA B 176 18.25 10.85 -9.00
N VAL B 177 19.56 10.88 -9.09
CA VAL B 177 20.35 11.42 -8.02
C VAL B 177 20.98 12.66 -8.63
N LEU B 178 20.91 13.84 -7.99
CA LEU B 178 21.65 15.00 -8.49
C LEU B 178 23.08 14.87 -7.96
N GLN B 179 24.02 14.72 -8.88
CA GLN B 179 25.42 14.59 -8.53
C GLN B 179 26.08 15.96 -8.26
N SER B 180 27.28 15.97 -7.70
CA SER B 180 28.04 17.18 -7.43
C SER B 180 28.29 18.06 -8.66
N SER B 181 28.33 17.51 -9.86
CA SER B 181 28.46 18.30 -11.07
C SER B 181 27.20 19.12 -11.35
N GLY B 182 26.09 18.81 -10.70
CA GLY B 182 24.85 19.47 -11.01
C GLY B 182 24.13 18.74 -12.14
N LEU B 183 24.56 17.52 -12.52
CA LEU B 183 23.88 16.71 -13.54
C LEU B 183 23.25 15.51 -12.83
N TYR B 184 22.16 14.99 -13.39
CA TYR B 184 21.47 13.83 -12.83
C TYR B 184 21.89 12.52 -13.49
N SER B 185 21.65 11.43 -12.78
CA SER B 185 21.89 10.09 -13.27
C SER B 185 20.83 9.20 -12.65
N LEU B 186 20.38 8.20 -13.38
CA LEU B 186 19.48 7.20 -12.86
C LEU B 186 19.78 5.88 -13.58
N SER B 187 19.17 4.81 -13.07
CA SER B 187 19.28 3.48 -13.63
C SER B 187 17.90 2.86 -13.72
N SER B 188 17.74 1.98 -14.69
CA SER B 188 16.53 1.19 -14.83
C SER B 188 17.07 -0.22 -14.98
N VAL B 189 16.44 -1.14 -14.26
CA VAL B 189 16.90 -2.53 -14.27
C VAL B 189 15.68 -3.38 -14.53
N VAL B 190 15.86 -4.43 -15.30
CA VAL B 190 14.79 -5.38 -15.54
C VAL B 190 15.34 -6.76 -15.16
N THR B 191 14.51 -7.58 -14.55
CA THR B 191 14.93 -8.92 -14.16
C THR B 191 14.19 -9.93 -15.06
N VAL B 192 14.96 -10.64 -15.88
CA VAL B 192 14.44 -11.53 -16.91
C VAL B 192 14.88 -12.98 -16.72
N PRO B 193 14.27 -13.99 -17.33
CA PRO B 193 14.77 -15.36 -17.33
C PRO B 193 16.11 -15.59 -18.00
N SER B 194 16.95 -16.44 -17.43
CA SER B 194 18.25 -16.74 -18.00
C SER B 194 18.11 -17.40 -19.39
N SER B 195 17.01 -18.12 -19.64
CA SER B 195 16.71 -18.73 -20.93
C SER B 195 16.48 -17.67 -22.01
N SER B 196 15.94 -16.50 -21.60
CA SER B 196 15.66 -15.36 -22.47
C SER B 196 16.92 -14.80 -23.07
N LEU B 197 18.05 -14.83 -22.37
CA LEU B 197 19.30 -14.29 -22.89
C LEU B 197 19.73 -14.88 -24.24
N GLY B 198 19.05 -15.93 -24.68
CA GLY B 198 19.27 -16.49 -25.99
C GLY B 198 18.06 -16.15 -26.85
N THR B 199 16.86 -16.40 -26.34
CA THR B 199 15.66 -16.23 -27.14
C THR B 199 15.25 -14.77 -27.40
N GLN B 200 15.88 -13.80 -26.72
CA GLN B 200 15.47 -12.40 -26.68
C GLN B 200 16.49 -11.29 -26.87
N THR B 201 15.98 -10.11 -27.21
CA THR B 201 16.73 -8.89 -27.36
C THR B 201 16.12 -7.90 -26.39
N TYR B 202 16.94 -7.11 -25.74
CA TYR B 202 16.47 -6.17 -24.75
C TYR B 202 17.14 -4.87 -25.06
N ILE B 203 16.31 -3.86 -25.18
CA ILE B 203 16.75 -2.52 -25.50
C ILE B 203 16.07 -1.58 -24.53
N CYS B 204 16.81 -0.69 -23.88
CA CYS B 204 16.11 0.34 -23.12
C CYS B 204 15.96 1.53 -24.10
N ASN B 205 14.83 2.21 -24.04
CA ASN B 205 14.51 3.30 -24.94
C ASN B 205 14.54 4.51 -24.03
N VAL B 206 15.45 5.45 -24.19
CA VAL B 206 15.50 6.60 -23.30
C VAL B 206 15.13 7.88 -24.05
N ASN B 207 14.14 8.62 -23.54
CA ASN B 207 13.79 9.89 -24.16
C ASN B 207 13.95 11.03 -23.15
N HIS B 208 14.87 11.93 -23.44
CA HIS B 208 15.08 13.14 -22.68
C HIS B 208 14.54 14.31 -23.53
N LYS B 209 13.26 14.58 -23.37
CA LYS B 209 12.57 15.66 -24.04
C LYS B 209 13.20 17.04 -23.93
N PRO B 210 13.74 17.58 -22.81
CA PRO B 210 14.38 18.89 -22.78
C PRO B 210 15.52 19.04 -23.78
N SER B 211 16.24 17.99 -24.15
CA SER B 211 17.30 18.13 -25.13
C SER B 211 16.93 17.45 -26.43
N ASN B 212 15.66 17.07 -26.62
CA ASN B 212 15.25 16.32 -27.79
C ASN B 212 16.22 15.16 -28.11
N THR B 213 16.49 14.32 -27.12
CA THR B 213 17.40 13.19 -27.23
C THR B 213 16.58 11.93 -27.02
N LYS B 214 16.63 10.99 -27.96
CA LYS B 214 15.96 9.70 -27.88
C LYS B 214 17.12 8.77 -28.18
N VAL B 215 17.39 7.76 -27.37
CA VAL B 215 18.51 6.84 -27.58
C VAL B 215 18.00 5.43 -27.31
N ASP B 216 18.26 4.44 -28.15
CA ASP B 216 17.88 3.07 -27.82
C ASP B 216 19.19 2.34 -27.60
N LYS B 217 19.31 1.56 -26.55
CA LYS B 217 20.55 0.86 -26.32
C LYS B 217 20.21 -0.61 -26.18
N LYS B 218 20.93 -1.42 -26.96
CA LYS B 218 20.83 -2.88 -26.97
C LYS B 218 21.65 -3.45 -25.83
N VAL B 219 21.06 -4.18 -24.89
CA VAL B 219 21.81 -4.68 -23.75
C VAL B 219 22.16 -6.13 -24.03
N GLU B 220 23.40 -6.30 -24.47
CA GLU B 220 23.92 -7.63 -24.81
C GLU B 220 24.78 -8.25 -23.71
N PRO B 221 24.59 -9.55 -23.40
CA PRO B 221 25.49 -10.39 -22.60
C PRO B 221 26.94 -10.25 -23.03
N LYS B 222 27.84 -10.29 -22.05
CA LYS B 222 29.24 -10.05 -22.31
C LYS B 222 30.00 -11.37 -22.24
N SER B 223 29.68 -12.18 -21.37
N GLU C 3 -8.96 2.74 -7.43
CA GLU C 3 -9.50 4.05 -7.17
C GLU C 3 -9.41 4.18 -5.66
N LEU C 4 -10.36 3.97 -4.75
CA LEU C 4 -10.06 4.14 -3.34
C LEU C 4 -9.36 2.94 -2.74
N THR C 5 -8.19 3.11 -2.14
CA THR C 5 -7.47 2.03 -1.49
C THR C 5 -7.72 2.12 0.00
N GLN C 6 -8.03 0.95 0.54
CA GLN C 6 -8.25 0.70 1.97
C GLN C 6 -7.45 -0.53 2.37
N PRO C 7 -6.94 -0.63 3.60
CA PRO C 7 -6.33 -1.85 4.10
C PRO C 7 -7.35 -2.99 4.18
N PRO C 8 -7.11 -4.27 3.88
CA PRO C 8 -8.11 -5.30 4.06
C PRO C 8 -8.55 -5.62 5.49
N SER C 9 -7.72 -5.41 6.50
CA SER C 9 -8.14 -5.67 7.85
C SER C 9 -7.36 -4.81 8.85
N VAL C 10 -8.04 -4.53 9.96
CA VAL C 10 -7.48 -3.81 11.08
C VAL C 10 -8.03 -4.60 12.26
N SER C 11 -7.22 -4.90 13.28
CA SER C 11 -7.62 -5.68 14.44
C SER C 11 -7.18 -4.90 15.65
N VAL C 12 -7.98 -4.73 16.68
CA VAL C 12 -7.59 -3.99 17.89
C VAL C 12 -8.26 -4.68 19.03
N SER C 13 -7.81 -4.49 20.25
CA SER C 13 -8.48 -5.09 21.41
C SER C 13 -9.49 -4.07 21.95
N PRO C 14 -10.52 -4.43 22.70
CA PRO C 14 -11.48 -3.47 23.28
C PRO C 14 -10.82 -2.28 23.94
N GLY C 15 -11.34 -1.11 23.63
CA GLY C 15 -10.87 0.12 24.23
C GLY C 15 -9.77 0.77 23.40
N GLN C 16 -9.14 0.13 22.41
CA GLN C 16 -8.07 0.81 21.70
C GLN C 16 -8.66 1.68 20.59
N THR C 17 -7.85 2.54 20.03
CA THR C 17 -8.21 3.33 18.89
C THR C 17 -7.99 2.58 17.59
N ALA C 18 -9.00 2.48 16.72
CA ALA C 18 -8.82 1.87 15.39
C ALA C 18 -8.71 2.99 14.37
N ARG C 19 -7.83 2.89 13.39
CA ARG C 19 -7.76 3.90 12.33
C ARG C 19 -7.86 3.13 11.02
N ILE C 20 -8.74 3.54 10.11
CA ILE C 20 -8.94 2.86 8.83
C ILE C 20 -8.71 3.95 7.81
N THR C 21 -7.69 3.83 6.99
CA THR C 21 -7.44 4.82 5.97
C THR C 21 -8.05 4.55 4.59
N CYS C 22 -8.24 5.58 3.79
CA CYS C 22 -8.80 5.42 2.47
C CYS C 22 -8.02 6.44 1.69
N SER C 23 -7.42 5.95 0.60
CA SER C 23 -6.53 6.79 -0.17
C SER C 23 -6.83 6.78 -1.64
N ALA C 24 -6.64 7.92 -2.26
CA ALA C 24 -6.75 8.12 -3.69
C ALA C 24 -6.31 9.55 -3.99
N ASN C 25 -5.58 9.71 -5.09
CA ASN C 25 -5.08 11.01 -5.52
C ASN C 25 -6.10 12.10 -5.76
N ALA C 26 -7.27 11.67 -6.22
CA ALA C 26 -8.37 12.56 -6.51
C ALA C 26 -9.14 13.06 -5.29
N LEU C 27 -8.93 12.38 -4.17
CA LEU C 27 -9.74 12.61 -3.00
C LEU C 27 -9.71 14.03 -2.42
N PRO C 28 -8.66 14.86 -2.43
CA PRO C 28 -8.73 16.26 -2.01
C PRO C 28 -9.83 17.09 -2.66
N ASN C 29 -10.30 16.80 -3.86
CA ASN C 29 -11.37 17.60 -4.42
C ASN C 29 -12.75 16.99 -4.30
N GLN C 30 -12.95 16.03 -3.40
CA GLN C 30 -14.28 15.49 -3.21
C GLN C 30 -14.52 14.97 -1.83
N TYR C 31 -15.78 15.08 -1.43
CA TYR C 31 -16.22 14.61 -0.15
C TYR C 31 -16.17 13.10 -0.11
N ALA C 32 -15.74 12.61 1.04
CA ALA C 32 -15.70 11.18 1.31
C ALA C 32 -16.82 10.88 2.33
N TYR C 33 -17.37 9.65 2.25
CA TYR C 33 -18.41 9.14 3.11
C TYR C 33 -17.95 7.78 3.67
N TRP C 34 -18.35 7.42 4.88
CA TRP C 34 -17.96 6.12 5.44
C TRP C 34 -19.24 5.39 5.78
N TYR C 35 -19.26 4.08 5.50
CA TYR C 35 -20.41 3.19 5.76
C TYR C 35 -19.89 1.98 6.54
N GLN C 36 -20.74 1.50 7.44
CA GLN C 36 -20.50 0.38 8.32
C GLN C 36 -21.42 -0.74 7.88
N GLN C 37 -20.95 -1.98 7.73
CA GLN C 37 -21.83 -3.05 7.31
C GLN C 37 -21.55 -4.28 8.16
N LYS C 38 -22.55 -4.72 8.92
CA LYS C 38 -22.43 -5.90 9.76
C LYS C 38 -22.99 -7.10 9.00
N PRO C 39 -22.55 -8.37 9.23
CA PRO C 39 -22.92 -9.54 8.44
C PRO C 39 -24.40 -9.69 8.51
N GLY C 40 -24.98 -9.99 7.37
CA GLY C 40 -26.42 -10.18 7.28
C GLY C 40 -27.11 -8.85 7.01
N ARG C 41 -26.54 -7.72 7.43
CA ARG C 41 -27.20 -6.44 7.35
C ARG C 41 -26.82 -5.48 6.23
N ALA C 42 -27.74 -4.51 6.09
CA ALA C 42 -27.61 -3.39 5.16
C ALA C 42 -26.59 -2.35 5.67
N PRO C 43 -25.84 -1.61 4.82
CA PRO C 43 -24.86 -0.64 5.30
C PRO C 43 -25.58 0.49 5.99
N VAL C 44 -24.87 1.15 6.90
CA VAL C 44 -25.37 2.31 7.65
C VAL C 44 -24.39 3.48 7.45
N MET C 45 -24.79 4.72 7.20
CA MET C 45 -23.84 5.79 7.00
C MET C 45 -23.31 6.26 8.36
N VAL C 46 -21.98 6.27 8.57
CA VAL C 46 -21.46 6.76 9.83
C VAL C 46 -20.78 8.10 9.69
N ILE C 47 -20.31 8.49 8.50
CA ILE C 47 -19.70 9.80 8.30
C ILE C 47 -20.14 10.32 6.92
N TYR C 48 -20.49 11.61 6.87
CA TYR C 48 -20.77 12.23 5.58
C TYR C 48 -19.95 13.49 5.42
N LYS C 49 -19.61 13.83 4.18
CA LYS C 49 -18.88 15.05 3.80
C LYS C 49 -17.62 15.26 4.64
N ASP C 50 -16.78 14.23 4.55
CA ASP C 50 -15.51 14.11 5.25
C ASP C 50 -15.47 14.09 6.77
N THR C 51 -16.26 14.87 7.50
CA THR C 51 -16.09 14.97 8.93
C THR C 51 -17.38 14.93 9.73
N GLN C 52 -18.57 14.91 9.12
CA GLN C 52 -19.81 15.03 9.87
C GLN C 52 -20.45 13.72 10.29
N ARG C 53 -20.91 13.64 11.52
CA ARG C 53 -21.52 12.44 12.04
C ARG C 53 -23.04 12.61 11.93
N PRO C 54 -23.83 11.69 11.34
CA PRO C 54 -25.28 11.68 11.39
C PRO C 54 -25.84 11.57 12.82
N SER C 55 -27.08 11.97 13.06
CA SER C 55 -27.69 11.84 14.38
C SER C 55 -27.81 10.37 14.68
N GLY C 56 -27.46 10.03 15.92
CA GLY C 56 -27.62 8.67 16.40
C GLY C 56 -26.30 7.93 16.30
N ILE C 57 -25.28 8.41 15.60
CA ILE C 57 -24.06 7.65 15.46
C ILE C 57 -23.17 7.98 16.66
N PRO C 58 -22.51 7.04 17.36
CA PRO C 58 -21.69 7.32 18.54
C PRO C 58 -20.60 8.37 18.37
N GLN C 59 -20.40 9.19 19.39
CA GLN C 59 -19.36 10.21 19.37
C GLN C 59 -17.95 9.67 19.12
N ARG C 60 -17.67 8.41 19.43
CA ARG C 60 -16.33 7.90 19.22
C ARG C 60 -15.93 7.78 17.75
N PHE C 61 -16.88 7.92 16.81
CA PHE C 61 -16.51 7.81 15.41
C PHE C 61 -16.15 9.19 14.90
N SER C 62 -15.05 9.39 14.18
CA SER C 62 -14.81 10.68 13.59
C SER C 62 -13.98 10.45 12.34
N SER C 63 -13.84 11.45 11.50
CA SER C 63 -13.04 11.31 10.29
C SER C 63 -12.27 12.60 10.02
N SER C 64 -11.14 12.53 9.32
CA SER C 64 -10.44 13.73 8.90
C SER C 64 -9.66 13.45 7.64
N THR C 65 -9.41 14.48 6.84
CA THR C 65 -8.69 14.34 5.59
C THR C 65 -7.30 14.93 5.78
N SER C 66 -6.25 14.34 5.22
CA SER C 66 -4.92 14.88 5.29
C SER C 66 -4.35 14.44 3.97
N GLY C 67 -4.40 15.35 3.03
CA GLY C 67 -3.80 15.15 1.72
C GLY C 67 -4.69 14.33 0.80
N THR C 68 -4.21 13.14 0.59
CA THR C 68 -4.89 12.22 -0.25
C THR C 68 -5.47 11.01 0.52
N THR C 69 -5.47 11.15 1.86
CA THR C 69 -6.01 10.09 2.69
C THR C 69 -7.09 10.64 3.58
N VAL C 70 -8.20 9.91 3.67
CA VAL C 70 -9.18 10.22 4.68
C VAL C 70 -9.09 9.04 5.64
N THR C 71 -9.07 9.35 6.93
CA THR C 71 -8.95 8.35 7.97
C THR C 71 -10.21 8.39 8.84
N LEU C 72 -10.78 7.20 9.05
CA LEU C 72 -11.86 7.02 9.97
C LEU C 72 -11.18 6.59 11.25
N THR C 73 -11.46 7.28 12.35
CA THR C 73 -10.90 6.91 13.65
C THR C 73 -12.05 6.55 14.58
N ILE C 74 -11.92 5.44 15.29
CA ILE C 74 -12.93 5.05 16.26
C ILE C 74 -12.10 5.08 17.54
N SER C 75 -12.36 6.07 18.41
CA SER C 75 -11.56 6.22 19.62
C SER C 75 -12.18 5.35 20.69
N GLY C 76 -11.62 4.21 21.04
CA GLY C 76 -12.17 3.43 22.13
C GLY C 76 -13.14 2.44 21.59
N VAL C 77 -12.66 1.55 20.73
CA VAL C 77 -13.51 0.53 20.11
C VAL C 77 -14.24 -0.38 21.11
N GLN C 78 -15.47 -0.70 20.77
CA GLN C 78 -16.37 -1.52 21.54
C GLN C 78 -16.60 -2.73 20.68
N ALA C 79 -16.96 -3.86 21.27
CA ALA C 79 -17.31 -5.06 20.54
C ALA C 79 -18.37 -4.87 19.45
N GLU C 80 -19.42 -4.05 19.61
CA GLU C 80 -20.42 -3.90 18.54
C GLU C 80 -19.90 -3.09 17.32
N ASP C 81 -18.65 -2.62 17.32
CA ASP C 81 -18.09 -1.91 16.19
C ASP C 81 -17.49 -2.88 15.17
N GLU C 82 -17.48 -4.19 15.43
CA GLU C 82 -16.86 -5.16 14.53
C GLU C 82 -17.74 -5.20 13.30
N ALA C 83 -17.19 -4.93 12.10
CA ALA C 83 -17.96 -4.80 10.87
C ALA C 83 -17.01 -4.53 9.71
N ASP C 84 -17.52 -4.55 8.46
CA ASP C 84 -16.74 -4.06 7.32
C ASP C 84 -17.00 -2.59 7.17
N TYR C 85 -15.98 -1.81 6.85
CA TYR C 85 -16.16 -0.37 6.70
C TYR C 85 -15.75 0.01 5.30
N TYR C 86 -16.54 0.83 4.61
CA TYR C 86 -16.25 1.23 3.24
C TYR C 86 -16.23 2.73 3.12
N CYS C 87 -15.17 3.29 2.50
CA CYS C 87 -15.24 4.72 2.20
C CYS C 87 -15.85 4.82 0.81
N GLN C 88 -16.37 5.99 0.48
CA GLN C 88 -17.01 6.21 -0.78
C GLN C 88 -16.73 7.67 -1.14
N ALA C 89 -16.60 7.93 -2.44
CA ALA C 89 -16.46 9.29 -2.96
C ALA C 89 -17.06 9.27 -4.38
N TRP C 90 -16.65 10.12 -5.29
CA TRP C 90 -17.24 10.18 -6.61
C TRP C 90 -17.69 11.61 -6.89
N ASP C 91 -18.54 11.80 -7.90
CA ASP C 91 -19.02 13.13 -8.26
C ASP C 91 -20.50 13.02 -8.58
N ASN C 92 -21.20 14.06 -9.04
CA ASN C 92 -22.61 13.92 -9.35
C ASN C 92 -22.96 13.33 -10.72
N SER C 93 -22.25 12.25 -11.07
CA SER C 93 -22.47 11.42 -12.25
C SER C 93 -22.20 9.95 -11.94
N ALA C 94 -21.34 9.57 -10.94
CA ALA C 94 -21.11 8.18 -10.53
C ALA C 94 -20.40 8.15 -9.19
N SER C 95 -20.67 7.14 -8.35
CA SER C 95 -20.00 7.00 -7.05
C SER C 95 -18.98 5.87 -7.13
N ILE C 96 -17.97 5.91 -6.30
CA ILE C 96 -16.88 4.94 -6.30
C ILE C 96 -16.79 4.45 -4.83
N PHE C 97 -16.64 3.17 -4.56
CA PHE C 97 -16.48 2.61 -3.23
C PHE C 97 -15.08 2.04 -3.06
N GLY C 98 -14.46 2.15 -1.88
CA GLY C 98 -13.20 1.48 -1.57
C GLY C 98 -13.47 0.00 -1.42
N GLY C 99 -12.42 -0.80 -1.38
CA GLY C 99 -12.62 -2.21 -1.33
C GLY C 99 -13.15 -2.75 -0.01
N GLY C 100 -13.08 -2.00 1.10
CA GLY C 100 -13.55 -2.51 2.38
C GLY C 100 -12.44 -2.98 3.33
N THR C 101 -12.66 -2.70 4.61
CA THR C 101 -11.69 -3.06 5.65
C THR C 101 -12.54 -3.76 6.70
N LYS C 102 -12.16 -5.01 7.03
CA LYS C 102 -12.79 -5.75 8.12
C LYS C 102 -12.16 -5.29 9.42
N LEU C 103 -12.93 -4.69 10.32
CA LEU C 103 -12.45 -4.39 11.66
C LEU C 103 -12.84 -5.55 12.60
N THR C 104 -11.81 -6.16 13.22
CA THR C 104 -12.02 -7.23 14.20
C THR C 104 -11.59 -6.63 15.54
N VAL C 105 -12.43 -6.81 16.55
CA VAL C 105 -12.14 -6.39 17.92
C VAL C 105 -11.68 -7.73 18.51
N LEU C 106 -10.39 -7.90 18.78
CA LEU C 106 -9.83 -9.17 19.20
C LEU C 106 -10.48 -9.67 20.48
N GLY C 107 -11.12 -10.82 20.42
CA GLY C 107 -11.69 -11.41 21.62
C GLY C 107 -11.15 -12.82 21.84
N GLN C 108 -10.13 -13.30 21.14
CA GLN C 108 -9.57 -14.63 21.32
C GLN C 108 -8.16 -14.49 20.77
N PRO C 109 -7.21 -15.39 20.98
CA PRO C 109 -5.84 -15.17 20.51
C PRO C 109 -5.71 -15.22 18.98
N LYS C 110 -4.76 -14.51 18.39
CA LYS C 110 -4.49 -14.55 16.98
C LYS C 110 -4.01 -15.97 16.61
N ALA C 111 -4.40 -16.53 15.47
CA ALA C 111 -4.10 -17.89 15.06
C ALA C 111 -3.78 -17.78 13.58
N ALA C 112 -2.60 -18.24 13.23
CA ALA C 112 -2.11 -18.14 11.85
C ALA C 112 -2.71 -19.31 11.06
N PRO C 113 -2.92 -19.19 9.77
CA PRO C 113 -3.66 -20.20 9.03
C PRO C 113 -2.87 -21.47 8.71
N SER C 114 -3.56 -22.61 8.72
CA SER C 114 -2.98 -23.84 8.21
C SER C 114 -3.25 -23.84 6.73
N VAL C 115 -2.26 -24.08 5.88
CA VAL C 115 -2.49 -24.08 4.44
C VAL C 115 -2.33 -25.48 3.86
N THR C 116 -3.20 -25.98 3.00
CA THR C 116 -3.00 -27.26 2.34
C THR C 116 -3.11 -27.03 0.84
N LEU C 117 -2.10 -27.31 0.02
CA LEU C 117 -2.17 -27.12 -1.42
C LEU C 117 -2.21 -28.49 -2.10
N PHE C 118 -3.17 -28.81 -2.96
CA PHE C 118 -3.23 -30.09 -3.65
C PHE C 118 -2.82 -29.91 -5.10
N PRO C 119 -1.95 -30.74 -5.69
CA PRO C 119 -1.73 -30.81 -7.14
C PRO C 119 -2.99 -31.24 -7.91
N PRO C 120 -3.16 -30.96 -9.21
CA PRO C 120 -4.29 -31.42 -10.02
C PRO C 120 -4.40 -32.93 -9.94
N SER C 121 -5.62 -33.38 -9.95
CA SER C 121 -5.98 -34.77 -9.92
C SER C 121 -5.49 -35.36 -11.24
N SER C 122 -4.88 -36.54 -11.27
CA SER C 122 -4.58 -37.19 -12.56
C SER C 122 -5.85 -37.39 -13.40
N GLU C 123 -6.96 -37.72 -12.71
CA GLU C 123 -8.26 -37.92 -13.34
C GLU C 123 -8.74 -36.65 -14.06
N GLU C 124 -8.59 -35.50 -13.40
CA GLU C 124 -8.92 -34.23 -14.03
C GLU C 124 -8.01 -33.97 -15.21
N LEU C 125 -6.70 -34.22 -15.04
CA LEU C 125 -5.73 -34.07 -16.11
C LEU C 125 -6.14 -34.95 -17.30
N GLN C 126 -6.72 -36.14 -17.11
CA GLN C 126 -7.22 -36.93 -18.22
C GLN C 126 -8.42 -36.25 -18.87
N ALA C 127 -9.24 -35.49 -18.15
CA ALA C 127 -10.30 -34.70 -18.76
C ALA C 127 -9.79 -33.39 -19.39
N ASN C 128 -8.47 -33.26 -19.50
CA ASN C 128 -7.77 -32.10 -20.02
C ASN C 128 -8.10 -30.75 -19.38
N LYS C 129 -8.03 -30.70 -18.04
CA LYS C 129 -8.18 -29.47 -17.25
C LYS C 129 -7.30 -29.68 -16.03
N ALA C 130 -6.91 -28.64 -15.30
CA ALA C 130 -6.10 -28.81 -14.10
C ALA C 130 -6.57 -27.80 -13.06
N THR C 131 -6.95 -28.19 -11.85
CA THR C 131 -7.33 -27.25 -10.80
C THR C 131 -6.40 -27.43 -9.61
N LEU C 132 -5.70 -26.39 -9.19
CA LEU C 132 -4.89 -26.46 -7.98
C LEU C 132 -5.82 -25.92 -6.90
N VAL C 133 -5.88 -26.60 -5.75
CA VAL C 133 -6.80 -26.24 -4.67
C VAL C 133 -5.98 -25.81 -3.48
N CYS C 134 -6.14 -24.59 -2.97
CA CYS C 134 -5.42 -24.12 -1.81
C CYS C 134 -6.45 -23.88 -0.71
N LEU C 135 -6.35 -24.65 0.36
CA LEU C 135 -7.33 -24.65 1.45
C LEU C 135 -6.72 -24.04 2.71
N ILE C 136 -7.44 -23.12 3.37
CA ILE C 136 -6.82 -22.28 4.41
C ILE C 136 -7.72 -22.40 5.62
N SER C 137 -7.28 -22.89 6.76
CA SER C 137 -8.21 -23.05 7.86
C SER C 137 -7.61 -22.63 9.16
N ASP C 138 -8.58 -22.52 10.09
CA ASP C 138 -8.26 -22.19 11.47
C ASP C 138 -7.54 -20.88 11.77
N PHE C 139 -7.84 -19.79 11.09
CA PHE C 139 -7.16 -18.54 11.36
C PHE C 139 -8.11 -17.54 12.03
N TYR C 140 -7.55 -16.66 12.86
CA TYR C 140 -8.26 -15.59 13.49
C TYR C 140 -7.27 -14.45 13.62
N PRO C 141 -7.53 -13.17 13.30
CA PRO C 141 -8.78 -12.69 12.70
C PRO C 141 -9.08 -13.20 11.29
N GLY C 142 -10.35 -13.13 10.90
CA GLY C 142 -10.80 -13.67 9.66
C GLY C 142 -10.54 -12.80 8.46
N ALA C 143 -9.29 -12.52 8.14
CA ALA C 143 -8.98 -11.83 6.91
C ALA C 143 -7.62 -12.35 6.46
N VAL C 144 -7.51 -12.65 5.16
CA VAL C 144 -6.30 -13.16 4.54
C VAL C 144 -6.17 -12.57 3.16
N THR C 145 -4.99 -12.63 2.56
CA THR C 145 -4.75 -12.25 1.20
C THR C 145 -4.03 -13.46 0.61
N VAL C 146 -4.53 -13.87 -0.57
CA VAL C 146 -4.03 -15.04 -1.27
C VAL C 146 -3.40 -14.63 -2.60
N ALA C 147 -2.13 -15.01 -2.81
CA ALA C 147 -1.46 -14.84 -4.09
C ALA C 147 -0.88 -16.17 -4.60
N TRP C 148 -1.01 -16.40 -5.90
CA TRP C 148 -0.49 -17.59 -6.56
C TRP C 148 0.77 -17.25 -7.36
N LYS C 149 1.76 -18.14 -7.36
CA LYS C 149 3.02 -17.95 -8.10
C LYS C 149 3.27 -19.18 -8.99
N ALA C 150 3.84 -18.98 -10.18
CA ALA C 150 4.29 -20.05 -11.06
C ALA C 150 5.76 -19.71 -11.08
N ASP C 151 6.55 -20.55 -10.40
CA ASP C 151 7.97 -20.39 -10.12
C ASP C 151 8.11 -19.09 -9.35
N SER C 152 8.42 -17.93 -9.89
CA SER C 152 8.41 -16.75 -9.05
C SER C 152 7.47 -15.70 -9.63
N SER C 153 6.84 -15.96 -10.77
CA SER C 153 5.93 -14.99 -11.33
C SER C 153 4.58 -15.05 -10.60
N PRO C 154 4.01 -13.95 -10.12
CA PRO C 154 2.61 -13.85 -9.76
C PRO C 154 1.68 -14.17 -10.90
N ILE C 155 0.63 -14.92 -10.60
CA ILE C 155 -0.40 -15.32 -11.53
C ILE C 155 -1.68 -14.67 -11.03
N LYS C 156 -2.44 -13.99 -11.87
CA LYS C 156 -3.69 -13.42 -11.41
C LYS C 156 -4.90 -14.04 -12.06
N ALA C 157 -4.76 -14.69 -13.20
CA ALA C 157 -5.92 -15.16 -13.92
C ALA C 157 -6.25 -16.58 -13.61
N GLY C 158 -7.55 -16.87 -13.62
CA GLY C 158 -8.05 -18.19 -13.33
C GLY C 158 -8.06 -18.50 -11.83
N VAL C 159 -8.08 -17.48 -10.97
CA VAL C 159 -8.08 -17.64 -9.52
C VAL C 159 -9.46 -17.25 -9.04
N GLU C 160 -9.98 -18.07 -8.14
CA GLU C 160 -11.27 -17.84 -7.47
C GLU C 160 -11.01 -18.03 -5.98
N THR C 161 -11.25 -17.03 -5.11
CA THR C 161 -11.01 -17.18 -3.70
C THR C 161 -12.29 -16.84 -2.96
N THR C 162 -12.63 -17.59 -1.92
CA THR C 162 -13.81 -17.29 -1.15
C THR C 162 -13.47 -16.24 -0.08
N THR C 163 -14.50 -15.55 0.42
CA THR C 163 -14.33 -14.68 1.57
C THR C 163 -14.29 -15.61 2.79
N PRO C 164 -13.53 -15.34 3.85
CA PRO C 164 -13.50 -16.13 5.07
C PRO C 164 -14.85 -16.38 5.70
N SER C 165 -15.13 -17.58 6.19
CA SER C 165 -16.39 -17.87 6.87
C SER C 165 -15.95 -18.48 8.19
N LYS C 166 -16.72 -18.13 9.22
CA LYS C 166 -16.52 -18.58 10.57
C LYS C 166 -16.83 -20.06 10.65
N GLN C 167 -15.84 -20.78 11.15
CA GLN C 167 -15.92 -22.20 11.42
C GLN C 167 -16.65 -22.37 12.75
N SER C 168 -16.98 -23.63 13.03
CA SER C 168 -17.67 -24.04 14.24
C SER C 168 -16.90 -23.62 15.50
N ASN C 169 -15.60 -23.84 15.46
CA ASN C 169 -14.74 -23.50 16.59
C ASN C 169 -14.43 -22.03 16.71
N ASN C 170 -15.10 -21.12 15.97
CA ASN C 170 -14.89 -19.67 15.98
C ASN C 170 -13.63 -19.15 15.31
N LYS C 171 -12.84 -20.01 14.67
CA LYS C 171 -11.74 -19.59 13.81
C LYS C 171 -12.31 -19.59 12.40
N TYR C 172 -11.62 -19.13 11.35
CA TYR C 172 -12.19 -18.98 10.02
C TYR C 172 -11.61 -19.91 8.97
N ALA C 173 -12.28 -20.11 7.83
CA ALA C 173 -11.72 -20.94 6.73
C ALA C 173 -11.96 -20.24 5.39
N ALA C 174 -11.10 -20.45 4.40
CA ALA C 174 -11.23 -19.89 3.06
C ALA C 174 -10.57 -20.83 2.04
N SER C 175 -10.91 -20.67 0.78
CA SER C 175 -10.34 -21.54 -0.26
C SER C 175 -9.95 -20.70 -1.46
N SER C 176 -8.90 -21.05 -2.20
CA SER C 176 -8.62 -20.41 -3.46
C SER C 176 -8.43 -21.53 -4.49
N TYR C 177 -8.80 -21.28 -5.72
CA TYR C 177 -8.72 -22.27 -6.75
C TYR C 177 -8.03 -21.65 -7.96
N LEU C 178 -6.92 -22.26 -8.45
CA LEU C 178 -6.28 -21.80 -9.68
C LEU C 178 -6.64 -22.75 -10.82
N SER C 179 -7.21 -22.30 -11.93
CA SER C 179 -7.52 -23.17 -13.06
C SER C 179 -6.40 -23.08 -14.10
N LEU C 180 -5.82 -24.17 -14.62
CA LEU C 180 -4.73 -24.12 -15.60
C LEU C 180 -5.02 -25.14 -16.68
N THR C 181 -4.29 -25.10 -17.80
CA THR C 181 -4.34 -26.20 -18.76
C THR C 181 -3.32 -27.23 -18.26
N PRO C 182 -3.41 -28.52 -18.66
CA PRO C 182 -2.39 -29.52 -18.33
C PRO C 182 -1.00 -29.13 -18.83
N GLU C 183 -0.94 -28.46 -19.98
CA GLU C 183 0.34 -28.03 -20.52
C GLU C 183 0.97 -26.95 -19.66
N GLN C 184 0.22 -25.98 -19.14
CA GLN C 184 0.79 -24.94 -18.29
C GLN C 184 1.36 -25.54 -17.01
N TRP C 185 0.62 -26.53 -16.50
CA TRP C 185 1.00 -27.23 -15.29
C TRP C 185 2.35 -27.91 -15.44
N LYS C 186 2.61 -28.59 -16.58
CA LYS C 186 3.89 -29.29 -16.76
C LYS C 186 5.06 -28.47 -17.22
N SER C 187 4.80 -27.24 -17.62
CA SER C 187 5.82 -26.34 -18.11
C SER C 187 6.41 -25.46 -17.02
N HIS C 188 6.29 -25.75 -15.72
CA HIS C 188 6.90 -24.91 -14.70
C HIS C 188 7.56 -25.78 -13.68
N ARG C 189 8.63 -25.31 -12.99
CA ARG C 189 9.29 -26.11 -11.96
C ARG C 189 8.38 -26.24 -10.74
N SER C 190 7.59 -25.22 -10.34
CA SER C 190 6.72 -25.32 -9.18
C SER C 190 5.64 -24.24 -9.22
N TYR C 191 4.50 -24.47 -8.56
CA TYR C 191 3.47 -23.46 -8.36
C TYR C 191 3.33 -23.34 -6.85
N SER C 192 3.10 -22.12 -6.36
CA SER C 192 2.96 -21.86 -4.93
C SER C 192 1.71 -21.12 -4.56
N CYS C 193 1.12 -21.42 -3.41
CA CYS C 193 -0.04 -20.68 -2.92
C CYS C 193 0.52 -19.94 -1.72
N GLN C 194 0.45 -18.61 -1.68
CA GLN C 194 0.93 -17.89 -0.50
C GLN C 194 -0.16 -17.03 0.11
N VAL C 195 -0.24 -17.18 1.41
CA VAL C 195 -1.31 -16.60 2.20
C VAL C 195 -0.67 -15.66 3.24
N THR C 196 -1.02 -14.39 3.18
CA THR C 196 -0.61 -13.44 4.22
C THR C 196 -1.77 -13.22 5.19
N HIS C 197 -1.44 -13.20 6.48
CA HIS C 197 -2.37 -13.05 7.56
C HIS C 197 -1.65 -12.17 8.58
N GLU C 198 -2.13 -10.98 8.95
CA GLU C 198 -1.46 -10.11 9.94
C GLU C 198 0.04 -9.90 9.63
N GLY C 199 0.35 -9.61 8.39
CA GLY C 199 1.74 -9.41 8.02
C GLY C 199 2.54 -10.67 7.74
N SER C 200 2.37 -11.81 8.42
CA SER C 200 3.15 -13.01 8.08
C SER C 200 2.64 -13.79 6.86
N THR C 201 3.52 -14.39 6.06
CA THR C 201 3.07 -15.17 4.91
C THR C 201 3.42 -16.65 5.06
N VAL C 202 2.43 -17.53 4.97
CA VAL C 202 2.62 -18.97 5.01
C VAL C 202 2.55 -19.36 3.53
N GLU C 203 3.45 -20.18 3.00
CA GLU C 203 3.38 -20.56 1.59
C GLU C 203 3.57 -22.08 1.44
N LYS C 204 2.92 -22.69 0.45
CA LYS C 204 3.07 -24.11 0.12
C LYS C 204 3.34 -24.17 -1.36
N THR C 205 4.11 -25.18 -1.79
CA THR C 205 4.49 -25.35 -3.18
C THR C 205 4.22 -26.78 -3.68
N VAL C 206 3.85 -27.01 -4.95
CA VAL C 206 3.69 -28.35 -5.54
C VAL C 206 4.43 -28.29 -6.89
N ALA C 207 5.02 -29.42 -7.28
CA ALA C 207 5.76 -29.49 -8.54
C ALA C 207 5.16 -30.55 -9.42
N PRO C 208 5.04 -30.38 -10.74
CA PRO C 208 4.63 -31.42 -11.69
C PRO C 208 5.64 -32.56 -11.84
N ALA D 1 -40.91 5.55 10.84
CA ALA D 1 -39.63 6.24 10.69
C ALA D 1 -39.13 5.99 9.25
N VAL D 2 -37.90 6.30 8.79
CA VAL D 2 -37.53 6.05 7.39
C VAL D 2 -37.39 4.57 7.10
N LYS D 3 -38.14 4.08 6.12
CA LYS D 3 -38.18 2.66 5.78
C LYS D 3 -38.21 2.54 4.24
N LEU D 4 -37.35 1.65 3.73
CA LEU D 4 -37.22 1.29 2.33
C LEU D 4 -37.30 -0.23 2.27
N VAL D 5 -38.29 -0.75 1.57
CA VAL D 5 -38.56 -2.17 1.56
C VAL D 5 -38.49 -2.59 0.12
N GLN D 6 -37.69 -3.59 -0.17
CA GLN D 6 -37.50 -4.05 -1.53
C GLN D 6 -38.20 -5.38 -1.77
N ALA D 7 -38.54 -5.62 -3.04
CA ALA D 7 -39.22 -6.82 -3.48
C ALA D 7 -38.74 -7.20 -4.89
N GLY D 8 -38.86 -8.46 -5.31
CA GLY D 8 -38.56 -8.88 -6.67
C GLY D 8 -37.31 -9.73 -6.90
N GLY D 9 -36.59 -10.29 -5.93
CA GLY D 9 -35.41 -11.09 -6.28
C GLY D 9 -35.74 -12.49 -6.83
N GLY D 10 -34.72 -13.33 -7.02
CA GLY D 10 -34.97 -14.67 -7.47
C GLY D 10 -33.85 -15.21 -8.32
N VAL D 11 -34.05 -16.40 -8.88
CA VAL D 11 -33.02 -17.09 -9.64
C VAL D 11 -33.49 -16.94 -11.08
N VAL D 12 -32.65 -16.53 -12.02
CA VAL D 12 -33.05 -16.42 -13.43
C VAL D 12 -31.89 -16.89 -14.28
N GLN D 13 -32.16 -17.15 -15.57
CA GLN D 13 -31.16 -17.63 -16.51
C GLN D 13 -30.55 -16.44 -17.24
N PRO D 14 -29.31 -16.41 -17.70
CA PRO D 14 -28.75 -15.30 -18.49
C PRO D 14 -29.65 -15.02 -19.71
N GLY D 15 -29.78 -13.74 -20.08
CA GLY D 15 -30.58 -13.34 -21.22
C GLY D 15 -31.94 -12.83 -20.79
N ARG D 16 -32.49 -13.35 -19.72
CA ARG D 16 -33.80 -12.94 -19.27
C ARG D 16 -33.81 -11.57 -18.57
N SER D 17 -34.98 -11.13 -18.11
CA SER D 17 -35.27 -9.86 -17.49
C SER D 17 -35.93 -10.04 -16.13
N LEU D 18 -35.89 -9.03 -15.26
CA LEU D 18 -36.45 -9.13 -13.93
C LEU D 18 -36.81 -7.71 -13.52
N ARG D 19 -37.85 -7.45 -12.75
CA ARG D 19 -38.10 -6.11 -12.29
C ARG D 19 -38.05 -6.05 -10.77
N LEU D 20 -37.30 -5.14 -10.18
CA LEU D 20 -37.25 -4.96 -8.74
C LEU D 20 -38.05 -3.72 -8.30
N SER D 21 -38.68 -3.70 -7.13
CA SER D 21 -39.35 -2.52 -6.62
C SER D 21 -38.82 -2.17 -5.22
N CYS D 22 -38.97 -0.92 -4.76
CA CYS D 22 -38.56 -0.43 -3.46
C CYS D 22 -39.60 0.62 -3.04
N ILE D 23 -40.31 0.37 -1.93
CA ILE D 23 -41.33 1.30 -1.43
C ILE D 23 -40.79 2.05 -0.27
N ALA D 24 -41.06 3.36 -0.24
CA ALA D 24 -40.56 4.24 0.79
C ALA D 24 -41.63 4.61 1.81
N SER D 25 -41.24 4.77 3.10
CA SER D 25 -42.11 5.23 4.18
C SER D 25 -41.35 6.13 5.15
N GLY D 26 -42.04 7.04 5.85
CA GLY D 26 -41.41 7.89 6.81
C GLY D 26 -40.83 9.15 6.20
N PHE D 27 -41.00 9.54 4.93
CA PHE D 27 -40.43 10.77 4.39
C PHE D 27 -41.14 11.16 3.13
N THR D 28 -41.00 12.41 2.63
CA THR D 28 -41.66 12.78 1.39
C THR D 28 -40.79 12.30 0.20
N PHE D 29 -41.18 11.16 -0.39
CA PHE D 29 -40.44 10.52 -1.46
C PHE D 29 -40.09 11.45 -2.62
N SER D 30 -41.05 12.29 -3.05
CA SER D 30 -40.80 13.10 -4.23
C SER D 30 -39.84 14.23 -4.02
N ASN D 31 -39.26 14.34 -2.83
CA ASN D 31 -38.22 15.34 -2.55
C ASN D 31 -36.79 14.80 -2.67
N TYR D 32 -36.53 13.51 -2.90
CA TYR D 32 -35.19 12.96 -2.80
C TYR D 32 -34.80 12.21 -4.05
N GLY D 33 -33.55 12.31 -4.46
CA GLY D 33 -33.00 11.42 -5.49
C GLY D 33 -32.96 10.02 -4.89
N MET D 34 -32.99 8.91 -5.66
CA MET D 34 -33.01 7.52 -5.15
C MET D 34 -32.02 6.74 -5.99
N HIS D 35 -31.40 5.72 -5.42
CA HIS D 35 -30.37 4.96 -6.12
C HIS D 35 -30.57 3.46 -5.93
N TRP D 36 -29.90 2.68 -6.79
CA TRP D 36 -29.72 1.25 -6.58
C TRP D 36 -28.18 1.06 -6.46
N VAL D 37 -27.74 0.27 -5.46
CA VAL D 37 -26.34 -0.09 -5.22
C VAL D 37 -26.33 -1.61 -5.13
N ARG D 38 -25.35 -2.36 -5.63
CA ARG D 38 -25.39 -3.82 -5.52
C ARG D 38 -24.11 -4.36 -4.88
N GLN D 39 -24.21 -5.59 -4.36
CA GLN D 39 -23.06 -6.21 -3.72
C GLN D 39 -22.98 -7.66 -4.15
N ALA D 40 -21.97 -8.03 -4.94
CA ALA D 40 -21.83 -9.40 -5.38
C ALA D 40 -21.45 -10.24 -4.17
N PRO D 41 -21.89 -11.50 -4.03
CA PRO D 41 -21.64 -12.34 -2.84
C PRO D 41 -20.14 -12.36 -2.50
N GLY D 42 -19.89 -12.11 -1.22
CA GLY D 42 -18.55 -12.05 -0.69
C GLY D 42 -17.77 -10.79 -1.05
N LYS D 43 -18.26 -9.92 -1.93
CA LYS D 43 -17.50 -8.78 -2.42
C LYS D 43 -17.94 -7.40 -1.92
N GLY D 44 -17.44 -6.32 -2.51
CA GLY D 44 -17.76 -5.00 -2.00
C GLY D 44 -18.96 -4.35 -2.65
N LEU D 45 -19.11 -3.06 -2.49
CA LEU D 45 -20.28 -2.35 -2.99
C LEU D 45 -19.96 -1.71 -4.35
N GLU D 46 -21.00 -1.63 -5.20
CA GLU D 46 -20.89 -1.03 -6.52
C GLU D 46 -22.15 -0.21 -6.82
N TRP D 47 -22.03 1.08 -7.14
CA TRP D 47 -23.18 1.90 -7.48
C TRP D 47 -23.67 1.44 -8.87
N VAL D 48 -24.99 1.44 -9.00
CA VAL D 48 -25.67 0.98 -10.21
C VAL D 48 -26.40 2.11 -10.97
N ALA D 49 -27.20 2.95 -10.29
CA ALA D 49 -28.02 3.92 -11.02
C ALA D 49 -28.66 4.94 -10.09
N VAL D 50 -29.09 6.10 -10.61
CA VAL D 50 -29.74 7.14 -9.84
C VAL D 50 -30.88 7.76 -10.67
N ILE D 51 -31.99 8.10 -9.99
CA ILE D 51 -33.04 8.90 -10.63
C ILE D 51 -33.27 10.16 -9.76
N TRP D 52 -33.22 11.35 -10.36
CA TRP D 52 -33.55 12.62 -9.71
C TRP D 52 -34.91 12.62 -9.03
N TYR D 53 -35.09 13.45 -7.99
CA TYR D 53 -36.34 13.49 -7.22
C TYR D 53 -37.61 13.63 -8.07
N ASN D 54 -37.52 14.37 -9.18
CA ASN D 54 -38.71 14.61 -9.99
C ASN D 54 -38.76 13.73 -11.23
N GLY D 55 -37.84 12.77 -11.31
CA GLY D 55 -37.73 11.91 -12.47
C GLY D 55 -37.21 12.68 -13.67
N SER D 56 -36.52 13.82 -13.60
CA SER D 56 -36.08 14.49 -14.83
C SER D 56 -34.82 13.95 -15.48
N ARG D 57 -33.98 13.16 -14.82
CA ARG D 57 -32.84 12.54 -15.46
C ARG D 57 -32.47 11.29 -14.65
N THR D 58 -31.70 10.40 -15.25
CA THR D 58 -31.22 9.17 -14.59
C THR D 58 -29.79 8.95 -15.08
N TYR D 59 -28.88 8.32 -14.34
CA TYR D 59 -27.52 8.09 -14.79
C TYR D 59 -27.22 6.66 -14.35
N TYR D 60 -26.39 5.97 -15.11
CA TYR D 60 -26.18 4.56 -14.94
C TYR D 60 -24.71 4.21 -14.79
N GLY D 61 -24.35 3.20 -13.99
CA GLY D 61 -22.96 2.76 -13.87
C GLY D 61 -22.50 2.06 -15.16
N ASP D 62 -21.20 2.09 -15.47
CA ASP D 62 -20.72 1.47 -16.69
C ASP D 62 -20.93 -0.02 -16.87
N SER D 63 -21.06 -0.86 -15.84
CA SER D 63 -21.34 -2.27 -16.01
C SER D 63 -22.77 -2.52 -16.42
N VAL D 64 -23.72 -1.58 -16.28
CA VAL D 64 -25.11 -1.90 -16.50
C VAL D 64 -25.77 -1.01 -17.53
N LYS D 65 -25.07 0.02 -17.99
CA LYS D 65 -25.62 1.01 -18.91
C LYS D 65 -26.12 0.35 -20.16
N GLY D 66 -27.32 0.74 -20.48
CA GLY D 66 -27.96 0.24 -21.67
C GLY D 66 -28.73 -1.00 -21.32
N ARG D 67 -28.48 -1.70 -20.23
CA ARG D 67 -29.26 -2.89 -19.94
C ARG D 67 -30.28 -2.73 -18.86
N PHE D 68 -30.00 -1.86 -17.90
CA PHE D 68 -30.90 -1.69 -16.77
C PHE D 68 -31.59 -0.35 -16.92
N THR D 69 -32.83 -0.29 -16.45
CA THR D 69 -33.65 0.92 -16.56
C THR D 69 -34.33 1.23 -15.21
N ILE D 70 -33.99 2.38 -14.61
CA ILE D 70 -34.57 2.77 -13.33
C ILE D 70 -35.78 3.71 -13.53
N SER D 71 -36.86 3.69 -12.75
CA SER D 71 -37.93 4.68 -12.87
C SER D 71 -38.59 4.88 -11.50
N ARG D 72 -39.50 5.83 -11.27
CA ARG D 72 -40.14 5.96 -9.99
C ARG D 72 -41.58 6.39 -10.21
N ASP D 73 -42.44 6.11 -9.23
CA ASP D 73 -43.84 6.52 -9.27
C ASP D 73 -44.02 7.30 -7.99
N ASN D 74 -43.92 8.61 -8.10
CA ASN D 74 -44.05 9.53 -6.98
C ASN D 74 -45.45 9.55 -6.38
N SER D 75 -46.54 9.12 -7.04
CA SER D 75 -47.84 9.09 -6.34
C SER D 75 -48.03 7.86 -5.44
N LYS D 76 -47.13 6.84 -5.60
CA LYS D 76 -47.10 5.58 -4.88
C LYS D 76 -45.85 5.36 -4.03
N ARG D 77 -44.94 6.33 -3.85
CA ARG D 77 -43.71 6.14 -3.07
C ARG D 77 -42.88 4.91 -3.51
N THR D 78 -42.75 4.63 -4.80
CA THR D 78 -42.08 3.40 -5.24
C THR D 78 -40.98 3.67 -6.25
N LEU D 79 -39.83 3.05 -6.10
CA LEU D 79 -38.72 3.11 -7.05
C LEU D 79 -38.68 1.75 -7.75
N TYR D 80 -38.37 1.65 -9.03
CA TYR D 80 -38.32 0.41 -9.79
C TYR D 80 -36.99 0.29 -10.50
N MET D 81 -36.58 -0.94 -10.82
CA MET D 81 -35.47 -1.16 -11.74
C MET D 81 -35.75 -2.43 -12.59
N GLN D 82 -35.86 -2.21 -13.91
CA GLN D 82 -36.03 -3.26 -14.91
C GLN D 82 -34.62 -3.68 -15.32
N MET D 83 -34.26 -4.95 -15.13
CA MET D 83 -32.92 -5.47 -15.47
C MET D 83 -33.10 -6.34 -16.70
N ASN D 84 -32.57 -6.00 -17.87
CA ASN D 84 -32.69 -6.84 -19.06
C ASN D 84 -31.31 -7.41 -19.37
N SER D 85 -31.27 -8.40 -20.28
CA SER D 85 -30.04 -9.04 -20.78
C SER D 85 -29.09 -9.43 -19.64
N LEU D 86 -29.66 -10.12 -18.67
CA LEU D 86 -28.94 -10.48 -17.46
C LEU D 86 -27.79 -11.41 -17.75
N ARG D 87 -26.66 -11.16 -17.11
CA ARG D 87 -25.44 -11.91 -17.25
C ARG D 87 -25.15 -12.56 -15.91
N THR D 88 -24.34 -13.62 -15.86
CA THR D 88 -24.02 -14.29 -14.62
C THR D 88 -23.34 -13.34 -13.65
N GLU D 89 -22.51 -12.44 -14.13
CA GLU D 89 -21.90 -11.46 -13.25
C GLU D 89 -22.85 -10.41 -12.63
N ASP D 90 -24.15 -10.48 -12.87
CA ASP D 90 -25.10 -9.54 -12.27
C ASP D 90 -25.65 -10.11 -10.98
N THR D 91 -25.22 -11.32 -10.62
CA THR D 91 -25.62 -11.95 -9.37
C THR D 91 -25.12 -11.07 -8.22
N ALA D 92 -26.01 -10.67 -7.31
CA ALA D 92 -25.65 -9.75 -6.26
C ALA D 92 -26.88 -9.50 -5.42
N VAL D 93 -26.67 -8.90 -4.27
CA VAL D 93 -27.76 -8.36 -3.46
C VAL D 93 -27.95 -6.94 -4.02
N TYR D 94 -29.17 -6.50 -4.36
CA TYR D 94 -29.48 -5.16 -4.85
C TYR D 94 -30.15 -4.38 -3.72
N TYR D 95 -29.63 -3.21 -3.39
CA TYR D 95 -30.11 -2.31 -2.35
C TYR D 95 -30.72 -1.04 -2.91
N CYS D 96 -31.91 -0.57 -2.54
CA CYS D 96 -32.23 0.79 -2.94
C CYS D 96 -31.84 1.69 -1.77
N ALA D 97 -31.38 2.91 -2.06
CA ALA D 97 -30.88 3.80 -1.03
C ALA D 97 -31.28 5.22 -1.40
N ARG D 98 -31.48 6.05 -0.38
CA ARG D 98 -31.98 7.42 -0.56
C ARG D 98 -30.74 8.32 -0.61
N ASP D 99 -30.77 9.40 -1.41
CA ASP D 99 -29.70 10.35 -1.42
C ASP D 99 -30.12 11.56 -0.61
N PRO D 100 -29.37 12.06 0.39
CA PRO D 100 -29.76 13.19 1.22
C PRO D 100 -29.91 14.51 0.50
N ASP D 101 -29.14 14.70 -0.58
CA ASP D 101 -29.10 15.94 -1.31
C ASP D 101 -28.27 15.72 -2.56
N ILE D 102 -28.90 15.44 -3.67
CA ILE D 102 -28.10 15.38 -4.87
C ILE D 102 -28.00 16.87 -5.22
N LEU D 103 -26.86 17.44 -4.87
CA LEU D 103 -26.54 18.83 -5.09
C LEU D 103 -25.02 18.75 -5.21
N THR D 104 -24.45 18.19 -4.15
CA THR D 104 -23.03 17.94 -4.05
C THR D 104 -22.55 16.84 -5.04
N ALA D 105 -22.67 15.61 -4.58
CA ALA D 105 -22.24 14.37 -5.21
C ALA D 105 -23.19 13.35 -4.57
N PHE D 106 -23.19 12.11 -5.03
CA PHE D 106 -24.16 11.15 -4.53
C PHE D 106 -23.70 10.61 -3.17
N SER D 107 -24.62 10.24 -2.27
CA SER D 107 -24.28 9.54 -1.05
C SER D 107 -25.58 8.89 -0.67
N PHE D 108 -25.51 7.97 0.28
CA PHE D 108 -26.61 7.04 0.54
C PHE D 108 -26.94 7.08 2.01
N ASP D 109 -27.88 7.93 2.45
CA ASP D 109 -28.08 7.99 3.89
C ASP D 109 -29.04 6.98 4.50
N TYR D 110 -29.93 6.32 3.76
CA TYR D 110 -30.85 5.31 4.28
C TYR D 110 -30.88 4.23 3.22
N TRP D 111 -30.76 2.99 3.66
CA TRP D 111 -30.62 1.82 2.79
C TRP D 111 -31.73 0.82 3.03
N GLY D 112 -32.19 0.17 1.97
CA GLY D 112 -33.18 -0.88 2.07
C GLY D 112 -32.54 -2.14 2.67
N GLN D 113 -33.29 -3.23 2.74
CA GLN D 113 -32.78 -4.45 3.31
C GLN D 113 -31.98 -5.25 2.30
N GLY D 114 -32.21 -5.10 0.99
CA GLY D 114 -31.47 -5.86 -0.01
C GLY D 114 -32.31 -7.02 -0.54
N VAL D 115 -32.25 -7.33 -1.82
CA VAL D 115 -32.98 -8.45 -2.38
C VAL D 115 -31.94 -9.17 -3.24
N LEU D 116 -31.81 -10.48 -3.13
CA LEU D 116 -30.83 -11.21 -3.94
C LEU D 116 -31.35 -11.61 -5.30
N VAL D 117 -30.49 -11.53 -6.32
CA VAL D 117 -30.84 -11.89 -7.70
C VAL D 117 -29.69 -12.84 -8.08
N THR D 118 -29.99 -14.09 -8.42
CA THR D 118 -28.96 -15.03 -8.82
C THR D 118 -29.17 -15.36 -10.29
N VAL D 119 -28.17 -15.20 -11.12
CA VAL D 119 -28.30 -15.49 -12.53
C VAL D 119 -27.48 -16.75 -12.82
N SER D 120 -28.12 -17.83 -13.28
CA SER D 120 -27.39 -19.03 -13.60
C SER D 120 -28.08 -19.68 -14.79
N SER D 121 -27.26 -20.33 -15.60
CA SER D 121 -27.66 -21.08 -16.79
C SER D 121 -28.33 -22.40 -16.42
N ALA D 122 -27.80 -23.02 -15.37
CA ALA D 122 -28.30 -24.29 -14.87
C ALA D 122 -29.54 -24.19 -13.99
N SER D 123 -30.51 -25.11 -14.08
CA SER D 123 -31.59 -25.14 -13.10
C SER D 123 -31.08 -26.07 -12.00
N THR D 124 -30.70 -27.30 -12.37
CA THR D 124 -30.02 -28.18 -11.46
C THR D 124 -28.88 -28.70 -12.32
N LYS D 125 -27.70 -28.96 -11.74
CA LYS D 125 -26.55 -29.54 -12.45
C LYS D 125 -25.69 -30.26 -11.42
N GLY D 126 -25.56 -31.58 -11.56
CA GLY D 126 -24.75 -32.41 -10.67
C GLY D 126 -23.24 -32.14 -10.81
N PRO D 127 -22.43 -32.36 -9.78
CA PRO D 127 -20.99 -32.06 -9.80
C PRO D 127 -20.13 -33.11 -10.48
N SER D 128 -18.95 -32.75 -10.97
CA SER D 128 -17.93 -33.72 -11.35
C SER D 128 -17.08 -33.89 -10.08
N VAL D 129 -16.71 -35.08 -9.66
CA VAL D 129 -15.93 -35.24 -8.45
C VAL D 129 -14.55 -35.76 -8.80
N PHE D 130 -13.49 -35.17 -8.23
CA PHE D 130 -12.13 -35.59 -8.53
C PHE D 130 -11.39 -35.87 -7.23
N PRO D 131 -10.63 -36.95 -7.10
CA PRO D 131 -9.92 -37.25 -5.88
C PRO D 131 -8.69 -36.38 -5.83
N LEU D 132 -8.33 -35.88 -4.66
CA LEU D 132 -7.15 -35.06 -4.54
C LEU D 132 -6.15 -35.82 -3.67
N ALA D 133 -5.07 -36.23 -4.33
CA ALA D 133 -4.01 -36.94 -3.65
C ALA D 133 -2.99 -35.92 -3.23
N PRO D 134 -2.45 -36.06 -2.02
CA PRO D 134 -1.49 -35.13 -1.45
C PRO D 134 -0.17 -35.20 -2.19
N SER D 135 0.56 -34.09 -2.22
CA SER D 135 1.92 -34.18 -2.74
C SER D 135 2.75 -35.05 -1.77
N SER D 136 3.84 -35.68 -2.25
CA SER D 136 4.66 -36.55 -1.42
C SER D 136 5.24 -35.86 -0.18
N LYS D 137 5.84 -34.67 -0.31
CA LYS D 137 6.34 -33.94 0.85
C LYS D 137 5.24 -33.79 1.87
N SER D 138 3.97 -33.60 1.48
CA SER D 138 2.89 -33.45 2.44
C SER D 138 2.60 -34.69 3.29
N THR D 139 3.23 -35.82 3.03
CA THR D 139 2.97 -36.98 3.85
C THR D 139 4.26 -37.29 4.59
N SER D 140 5.31 -36.47 4.54
CA SER D 140 6.55 -36.86 5.20
C SER D 140 6.52 -36.75 6.70
N GLY D 141 5.46 -36.21 7.30
CA GLY D 141 5.37 -36.12 8.75
C GLY D 141 4.42 -37.19 9.23
N GLY D 142 3.75 -36.92 10.34
CA GLY D 142 2.88 -37.89 10.95
C GLY D 142 1.52 -38.02 10.28
N THR D 143 1.01 -36.98 9.62
CA THR D 143 -0.33 -36.94 9.10
C THR D 143 -0.35 -36.49 7.64
N ALA D 144 -1.37 -36.95 6.91
CA ALA D 144 -1.62 -36.61 5.51
C ALA D 144 -3.08 -36.16 5.34
N ALA D 145 -3.30 -35.15 4.50
CA ALA D 145 -4.62 -34.68 4.18
C ALA D 145 -4.96 -35.21 2.80
N LEU D 146 -6.12 -35.85 2.66
CA LEU D 146 -6.60 -36.35 1.38
C LEU D 146 -7.86 -35.53 1.03
N GLY D 147 -8.16 -35.18 -0.23
CA GLY D 147 -9.37 -34.42 -0.47
C GLY D 147 -10.26 -34.88 -1.63
N CYS D 148 -11.41 -34.25 -1.83
CA CYS D 148 -12.22 -34.48 -3.01
C CYS D 148 -12.66 -33.11 -3.41
N LEU D 149 -12.55 -32.83 -4.70
CA LEU D 149 -12.97 -31.58 -5.32
C LEU D 149 -14.35 -31.90 -5.91
N VAL D 150 -15.38 -31.13 -5.53
CA VAL D 150 -16.73 -31.30 -6.02
C VAL D 150 -16.89 -30.08 -6.89
N LYS D 151 -16.85 -30.27 -8.19
CA LYS D 151 -16.74 -29.15 -9.08
C LYS D 151 -17.96 -28.91 -9.95
N ASP D 152 -18.36 -27.65 -10.13
CA ASP D 152 -19.40 -27.25 -11.09
C ASP D 152 -20.81 -27.83 -10.94
N TYR D 153 -21.40 -27.52 -9.79
CA TYR D 153 -22.78 -27.96 -9.54
C TYR D 153 -23.62 -26.74 -9.27
N PHE D 154 -24.94 -26.88 -9.41
CA PHE D 154 -25.89 -25.81 -9.07
C PHE D 154 -27.20 -26.50 -8.69
N PRO D 155 -28.01 -26.07 -7.69
CA PRO D 155 -27.69 -25.04 -6.68
C PRO D 155 -27.03 -25.69 -5.50
N GLU D 156 -26.89 -24.90 -4.44
CA GLU D 156 -26.45 -25.48 -3.18
C GLU D 156 -27.61 -26.31 -2.58
N PRO D 157 -27.47 -27.29 -1.67
CA PRO D 157 -26.23 -27.74 -1.06
C PRO D 157 -25.73 -29.09 -1.57
N VAL D 158 -24.53 -29.48 -1.15
CA VAL D 158 -23.93 -30.77 -1.43
C VAL D 158 -23.53 -31.27 -0.05
N THR D 159 -23.70 -32.56 0.28
CA THR D 159 -23.11 -33.15 1.50
C THR D 159 -21.97 -34.11 1.13
N VAL D 160 -20.85 -34.05 1.87
CA VAL D 160 -19.73 -34.93 1.63
C VAL D 160 -19.43 -35.71 2.91
N SER D 161 -19.24 -37.04 2.83
CA SER D 161 -18.86 -37.84 3.97
C SER D 161 -17.68 -38.65 3.46
N TRP D 162 -16.92 -39.26 4.38
CA TRP D 162 -15.75 -40.02 4.04
C TRP D 162 -15.97 -41.42 4.58
N ASN D 163 -15.72 -42.43 3.76
CA ASN D 163 -15.92 -43.85 4.08
C ASN D 163 -17.28 -44.15 4.72
N SER D 164 -18.33 -43.59 4.10
CA SER D 164 -19.71 -43.71 4.50
C SER D 164 -19.90 -43.42 5.97
N GLY D 165 -19.34 -42.31 6.46
CA GLY D 165 -19.51 -41.94 7.85
C GLY D 165 -18.56 -42.61 8.82
N ALA D 166 -17.73 -43.56 8.39
CA ALA D 166 -16.76 -44.15 9.29
C ALA D 166 -15.78 -43.08 9.75
N LEU D 167 -15.48 -42.07 8.90
CA LEU D 167 -14.56 -41.02 9.29
C LEU D 167 -15.35 -39.77 9.62
N THR D 168 -15.02 -39.27 10.79
CA THR D 168 -15.70 -38.16 11.38
C THR D 168 -14.67 -37.15 11.83
N SER D 169 -13.75 -37.56 12.72
CA SER D 169 -12.71 -36.66 13.18
C SER D 169 -11.79 -36.45 12.00
N GLY D 170 -11.40 -35.20 11.79
CA GLY D 170 -10.45 -34.93 10.74
C GLY D 170 -11.10 -34.44 9.45
N VAL D 171 -12.43 -34.44 9.32
CA VAL D 171 -13.06 -34.04 8.09
C VAL D 171 -13.39 -32.57 8.17
N HIS D 172 -13.05 -31.81 7.14
CA HIS D 172 -13.43 -30.42 7.04
C HIS D 172 -13.95 -30.16 5.62
N THR D 173 -15.23 -29.91 5.47
CA THR D 173 -15.79 -29.55 4.19
C THR D 173 -15.82 -28.03 4.16
N PHE D 174 -15.21 -27.43 3.14
CA PHE D 174 -15.10 -25.98 3.04
C PHE D 174 -16.35 -25.37 2.40
N PRO D 175 -16.71 -24.13 2.73
CA PRO D 175 -17.62 -23.29 1.96
C PRO D 175 -17.34 -23.29 0.47
N ALA D 176 -18.40 -23.39 -0.30
CA ALA D 176 -18.31 -23.40 -1.73
C ALA D 176 -17.91 -22.03 -2.25
N VAL D 177 -17.33 -21.97 -3.45
CA VAL D 177 -17.10 -20.72 -4.11
C VAL D 177 -18.13 -20.67 -5.22
N LEU D 178 -18.73 -19.53 -5.49
CA LEU D 178 -19.55 -19.32 -6.67
C LEU D 178 -18.62 -18.78 -7.75
N GLN D 179 -18.33 -19.58 -8.75
CA GLN D 179 -17.39 -19.23 -9.79
C GLN D 179 -18.01 -18.24 -10.77
N SER D 180 -17.17 -17.66 -11.65
CA SER D 180 -17.57 -16.75 -12.72
C SER D 180 -18.62 -17.38 -13.59
N SER D 181 -18.69 -18.71 -13.71
CA SER D 181 -19.66 -19.38 -14.53
C SER D 181 -21.03 -19.43 -13.89
N GLY D 182 -21.22 -19.00 -12.63
CA GLY D 182 -22.50 -19.14 -11.96
C GLY D 182 -22.72 -20.59 -11.42
N LEU D 183 -21.68 -21.45 -11.38
CA LEU D 183 -21.74 -22.80 -10.83
C LEU D 183 -20.88 -22.80 -9.61
N TYR D 184 -21.16 -23.65 -8.63
CA TYR D 184 -20.33 -23.74 -7.42
C TYR D 184 -19.29 -24.86 -7.51
N SER D 185 -18.28 -24.77 -6.66
CA SER D 185 -17.29 -25.82 -6.46
C SER D 185 -16.93 -25.77 -4.97
N LEU D 186 -16.68 -26.91 -4.32
CA LEU D 186 -16.16 -26.94 -2.96
C LEU D 186 -15.18 -28.11 -2.87
N SER D 187 -14.42 -28.15 -1.77
CA SER D 187 -13.50 -29.24 -1.45
C SER D 187 -13.72 -29.65 0.00
N SER D 188 -13.49 -30.92 0.24
CA SER D 188 -13.59 -31.53 1.55
C SER D 188 -12.28 -32.30 1.72
N VAL D 189 -11.75 -32.35 2.94
CA VAL D 189 -10.49 -33.02 3.22
C VAL D 189 -10.69 -33.85 4.46
N VAL D 190 -9.95 -34.94 4.55
CA VAL D 190 -9.89 -35.68 5.80
C VAL D 190 -8.38 -35.80 6.12
N THR D 191 -8.05 -35.75 7.40
CA THR D 191 -6.68 -35.82 7.82
C THR D 191 -6.53 -37.21 8.45
N VAL D 192 -5.59 -38.01 7.95
CA VAL D 192 -5.46 -39.39 8.38
C VAL D 192 -3.99 -39.64 8.67
N PRO D 193 -3.57 -40.63 9.46
CA PRO D 193 -2.16 -40.80 9.78
C PRO D 193 -1.38 -41.25 8.56
N SER D 194 -0.20 -40.71 8.30
CA SER D 194 0.59 -41.12 7.18
C SER D 194 0.99 -42.59 7.11
N SER D 195 1.22 -43.30 8.22
CA SER D 195 1.55 -44.74 8.23
C SER D 195 0.50 -45.62 7.56
N SER D 196 -0.78 -45.20 7.62
CA SER D 196 -1.92 -45.92 7.07
C SER D 196 -2.14 -45.81 5.56
N LEU D 197 -1.49 -44.82 4.94
CA LEU D 197 -1.71 -44.47 3.55
C LEU D 197 -1.59 -45.53 2.48
N GLY D 198 -0.77 -46.55 2.66
CA GLY D 198 -0.67 -47.57 1.64
C GLY D 198 -1.78 -48.60 1.74
N THR D 199 -2.27 -48.89 2.93
CA THR D 199 -3.19 -50.00 3.08
C THR D 199 -4.65 -49.72 3.33
N GLN D 200 -4.93 -48.49 3.77
CA GLN D 200 -6.28 -48.07 4.10
C GLN D 200 -7.07 -47.63 2.90
N THR D 201 -8.36 -47.88 2.77
CA THR D 201 -9.06 -47.26 1.66
C THR D 201 -9.85 -46.05 2.14
N TYR D 202 -9.87 -44.99 1.33
CA TYR D 202 -10.55 -43.76 1.67
C TYR D 202 -11.40 -43.45 0.45
N ILE D 203 -12.68 -43.22 0.70
CA ILE D 203 -13.64 -42.95 -0.36
C ILE D 203 -14.39 -41.68 0.04
N CYS D 204 -14.53 -40.63 -0.78
CA CYS D 204 -15.45 -39.59 -0.38
C CYS D 204 -16.78 -39.87 -1.09
N ASN D 205 -17.86 -39.61 -0.34
CA ASN D 205 -19.22 -39.89 -0.72
C ASN D 205 -19.86 -38.52 -0.89
N VAL D 206 -20.22 -38.18 -2.12
CA VAL D 206 -20.79 -36.89 -2.43
C VAL D 206 -22.25 -37.06 -2.81
N ASN D 207 -23.11 -36.23 -2.22
CA ASN D 207 -24.53 -36.25 -2.53
C ASN D 207 -25.08 -34.83 -2.80
N HIS D 208 -25.54 -34.61 -4.02
CA HIS D 208 -26.16 -33.37 -4.43
C HIS D 208 -27.65 -33.68 -4.60
N LYS D 209 -28.43 -33.58 -3.53
CA LYS D 209 -29.88 -33.75 -3.53
C LYS D 209 -30.63 -32.97 -4.60
N PRO D 210 -30.36 -31.68 -4.92
CA PRO D 210 -31.13 -30.97 -5.95
C PRO D 210 -31.16 -31.70 -7.28
N SER D 211 -30.10 -32.41 -7.68
CA SER D 211 -30.08 -33.06 -8.98
C SER D 211 -30.16 -34.57 -8.86
N ASN D 212 -30.38 -35.20 -7.68
CA ASN D 212 -30.43 -36.65 -7.56
C ASN D 212 -29.05 -37.22 -7.91
N THR D 213 -27.93 -36.59 -7.57
CA THR D 213 -26.61 -37.11 -7.93
C THR D 213 -25.85 -37.62 -6.72
N LYS D 214 -25.36 -38.85 -6.75
CA LYS D 214 -24.55 -39.41 -5.70
C LYS D 214 -23.35 -40.04 -6.37
N VAL D 215 -22.12 -39.70 -5.95
CA VAL D 215 -20.87 -40.22 -6.49
C VAL D 215 -20.05 -40.65 -5.28
N ASP D 216 -19.37 -41.79 -5.35
CA ASP D 216 -18.40 -42.18 -4.32
C ASP D 216 -17.09 -42.18 -5.07
N LYS D 217 -16.01 -41.71 -4.48
CA LYS D 217 -14.79 -41.55 -5.23
C LYS D 217 -13.67 -42.02 -4.34
N LYS D 218 -12.84 -42.93 -4.86
CA LYS D 218 -11.74 -43.50 -4.12
C LYS D 218 -10.54 -42.56 -4.25
N VAL D 219 -9.91 -42.20 -3.13
CA VAL D 219 -8.79 -41.28 -3.21
C VAL D 219 -7.53 -42.14 -3.00
N GLU D 220 -6.61 -42.20 -3.96
CA GLU D 220 -5.39 -42.97 -3.78
C GLU D 220 -4.17 -42.07 -3.66
N PRO D 221 -3.30 -42.27 -2.66
CA PRO D 221 -1.98 -41.69 -2.61
C PRO D 221 -1.15 -42.09 -3.82
N LYS D 222 -0.45 -41.12 -4.37
CA LYS D 222 0.54 -41.43 -5.38
C LYS D 222 1.73 -41.97 -4.58
#